data_9BD1
#
_entry.id   9BD1
#
_cell.length_a   1.00
_cell.length_b   1.00
_cell.length_c   1.00
_cell.angle_alpha   90.00
_cell.angle_beta   90.00
_cell.angle_gamma   90.00
#
_symmetry.space_group_name_H-M   'P 1'
#
loop_
_entity.id
_entity.type
_entity.pdbx_description
1 polymer 'Apolipoprotein B-100'
2 non-polymer 2-acetamido-2-deoxy-beta-D-glucopyranose
#
_entity_poly.entity_id   1
_entity_poly.type   'polypeptide(L)'
_entity_poly.pdbx_seq_one_letter_code
;MDPPRPALLALLALPALLLLLLAGARAEEEMLENVSLVCPKDATRFKHLRKYTYNYEAESSSGVPGTADSRSATRINCKV
ELEVPQLCSFILKTSQCTLKEVYGFNPEGKALLKKTKNSEEFAAAMSRYELKLAIPEGKQVFLYPEKDEPTYILNIKRGI
ISALLVPPETEEAKQVLFLDTVYGNCSTHFTVKTRKGNVATEISTERDLGQCDRFKPIRTGISPLALIKGMTRPLSTLIS
SSQSCQYTLDAKRKHVAEAICKEQHLFLPFSYKNKYGMVAQVTQTLKLEDTPKINSRFFGEGTKKMGLAFESTKSTSPPK
QAEAVLKTLQELKKLTISEQNIQRANLFNKLVTELRGLSDEAVTSLLPQLIEVSSPITLQALVQCGQPQCSTHILQWLKR
VHANPLLIDVVTYLVALIPEPSAQQLREIFNMARDQRSRATLYALSHAVNNYHKTNPTGTQELLDIANYLMEQIQDDCTG
DEDYTYLILRVIGNMGQTMEQLTPELKSSILKCVQSTKPSLMIQKAAIQALRKMEPKDKDQEVLLQTFLDDASPGDKRLA
AYLMLMRSPSQADINKIVQILPWEQNEQVKNFVASHIANILNSEELDIQDLKKLVKEALKESQLPTVMDFRKFSRNYQLY
KSVSLPSLDPASAKIEGNLIFDPNNYLPKESMLKTTLTAFGFASADLIEIGLEGKGFEPTLEALFGKQGFFPDSVNKALY
WVNGQVPDGVSKVLVDHFGYTKDDKHEQDMVNGIMLSVEKLIKDLKSKEVPEARAYLRILGEELGFASLHDLQLLGKLLL
MGARTLQGIPQMIGEVIRKGSKNDFFLHYIFMENAFELPTGAGLQLQISSSGVIAPGAKAGVKLEVANMQAELVAKPSVS
VEFVTNMGIIIPDFARSGVQMNTNFFHESGLEAHVALKAGKLKFIIPSPKRPVKLLSGGNTLHLVSTTKTEVIPPLIENR
QSWSVCKQVFPGLNYCTSGAYSNASSTDSASYYPLTGDTRLELELRPTGEIEQYSVSATYELQREDRALVDTLKFVTQAE
GAKQTEATMTFKYNRQSMTLSSEVQIPDFDVDLGTILRVNDESTEGKTSYRLTLDIQNKKITEVALMGHLSCDTKEERKI
KGVISIPRLQAEARSEILAHWSPAKLLLQMDSSATAYGSTVSKRVAWHYDEEKIEFEWNTGTNVDTKKMTSNFPVDLSDY
PKSLHMYANRLLDHRVPQTDMTFRHVGSKLIVAMSSWLQKASGSLPYTQTLQDHLNSLKEFNLQNMGLPDFHIPENLFLK
SDGRVKYTLNKNSLKIEIPLPFGGKSSRDLKMLETVRTPALHFKSVGFHLPSREFQVPTFTIPKLYQLQVPLLGVLDLST
NVYSNLYNWSASYSGGNTSTDHFSLRARYHMKADSVVDLLSYNVQGSGETTYDHKNTFTLSCDGSLRHKFLDSNIKFSHV
EKLGNNPVSKGLLIFDASSSWGPQMSASVHLDSKKKQHLFVKEVKIDGQFRVSSFYAKGTYGLSCQRDPNTGRLNGESNL
RFNSSYLQGTNQITGRYEDGTLSLTSTSDLQSGIIKNTASLKYENYELTLKSDTNGKYKNFATSNKMDMTFSKQNALLRS
EYQADYESLRFFSLLSGSLNSHGLELNADILGTDKINSGAHKATLRIGQDGISTSATTNLKCSLLVLENELNAELGLSGA
SMKLTTNGRFREHNAKFSLDGKAALTELSLGSAYQAMILGVDSKNIFNFKVSQEGLKLSNDMMGSYAEMKFDHTNSLNIA
GLSLDFSSKLDNIYSSDKFYKQTVNLQLQPYSLVTTLNSDLKYNALDLTNNGKLRLEPLKLHVAGNLKGAYQNNEIKHIY
AISSAALSASYKADTVAKVQGVEFSHRLNTDIAGLASAIDMSTNYNSDSLHFSNVFRSVMAPFTMTIDAHTNGNGKLALW
GEHTGQLYSKFLLKAEPLAFTFSHDYKGSTSHHLVSRKSISAALEHKVSALLTPAEQTGTWKLKTQFNNNEYSQDLDAYN
TKDKIGVELTGRTLADLTLLDSPIKVPLLLSEPINIIDALEMRDAVEKPQEFTIVAFVKYDKNQDVHSINLPFFETLQEY
FERNRQTIIVVLENVQRNLKHINIDQFVRKYRAALGKLPQQANDYLNSFNWERQVSHAKEKLTALTKKYRITENDIQIAL
DDAKINFNEKLSQLQTYMIQFDQYIKDSYDLHDLKIAIANIIDEIIEKLKSLDEHYHIRVNLVKTIHDLHLFIENIDFNK
SGSSTASWIQNVDTKYQIRIQIQEKLQQLKRHIQNIDIQHLAGKLKQHIEAIDVRVLLDQLGTTISFERINDILEHVKHF
VINLIGDFEVAEKINAFRAKVHELIERYEVDQQIQVLMDKLVELAHQYKLKETIQKLSNVLQQVKIKDYFEKLVGFIDDA
VKKLNELSFKTFIEDVNKFLDMLIKKLKSFDYHQFVDETNDKIREVTQRLNGEIQALELPQKAEALKLFLEETKATVAVY
LESLQDTKITLIINWLQEALSSASLAHMKAKFRETLEDTRDRMYQMDIQQELQRYLSLVGQVYSTLVTYISDWWTLAAKN
LTDFAEQYSIQDWAKRMKALVEQGFTVPEIKTILGTMPAFEVSLQALQKATFQTPDFIVPLTDLRIPSVQINFKDLKNIK
IPSRFSTPEFTILNTFHIPSFTIDFVEMKVKIIRTIDQMLNSELQWPVPDIYLRDLKVEDIPLARITLPDFRLPEIAIPE
FIIPTLNLNDFQVPDLHIPEFQLPHISHTIEVPTFGKLYSILKIQSPLFTLDANADIGNGTTSANEAGIAASITAKGESK
LEVLNFDFQANAQLSNPKINPLALKESVKFSSKYLRTEHGSEMLFFGNAIEGKSNTVASLHTEKNTLELSNGVIVKINNQ
LTLDSNTKYFHKLNIPKLDFSSQADLRNEIKTLLKAGHIAWTSSGKGSWKWACPRFSDEGTHESQISFTIEGPLTSFGLS
NKINSKHLRVNQNLVYESGSLNFSKLEIQSQVDSQHVGHSVLTAKGMALFGEGKAEFTGRHDAHLNGKVIGTLKNSLFFS
AQPFEITASTNNEGNLKVRFPLRLTGKIDFLNNYALFLSPSAQQASWQVSARFNQYKYNQNFSAGNNENIMEAHVGINGE
ANLDFLNIPLTIPEMRLPYTIITTPPLKDFSLWEKTGLKEFLKTTKQSFDLSVKAQYKKNKHRHSITNPLAVLCEFISQS
IKSFDRHFEKNRNNALDFVTKSYNETKIKFDKYKAEKSHDELPRTFQIPGYTVPVVNVEVSPFTIEMSAFGYVFPKAVSM
PSFSILGSDVRVPSYTLILPSLELPVLHVPRNLKLSLPDFKELCTISHIFIPAMGNITYDFSFKSSVITLNTNAELFNQS
DIVAHLLSSSSSVIDALQYKLEGTTRLTRKRGLKLATALSLSNKFVEGSHNSTVSLTTKNMEVSVATTTKAQIPILRMNF
KQELNGNTKSKPTVSSSMEFKYDFNSSMLYSTAKGAVDHKLSLESLTSYFSIESSTKGDVKGSVLSREYSGTIASEANTY
LNSKSTRSSVKLQGTSKIDDIWNLEVKENFAGEATLQRIYSLWEHSTKNHLQLEGLFFTNGEHTSKATLELSPWQMSALV
QVHASQPSSFHDFPDLGQEVALNANTKNQKIRWKNEVRIHSGSFQSQVELSNDQEKAHLDIAGSLEGHLRFLKNIILPVY
DKSLWDFLKLDVTTSIGRRQHLRVSTAFVYTKNPNGYSFSIPVKVLADKFIIPGLKLNDLNSVLVMPTFHVPFTDLQVPS
CKLDFREIQIYKKLRTSSFALNLPTLPEVKFPEVDVLTKYSQPEDSLIPFFEITVPESQLTVSQFTLPKSVSDGIAALDL
NAVANKIADFELPTIIVPEQTIEIPSIKFSVPAGIVIPSFQALTARFEVDSPVYNATWSASLKNKADYVETVLDSTCSST
VQFLEYELNVLGTHKIEDGTLASKTKGTFAHRDFSAEYEEDGKYEGLQEWEGKAHLNIKSPAFTDLHLRYQKDKKGISTS
AASPAVGTVGMDMDEDDDFSKWNFYYSPQSSPDKKLTIFKTELRVRESDEETQIKVNWEEEAASGLLTSLKDNVPKATGV
LYDYVNKYHWEHTGLTLREVSSKLRRNLQNNAEWVYQGAIRQIDDIDVRFQKAASGTTGTYQEWKDKAQNLYQELLTQEG
QASFQGLKDNVFDGLVRVTQEFHMKVKHLIDSLIDFLNFPRFQFPGKPGIYTREELCTMFIREVGTVLSQVYSKVHNGSE
ILFSYFQDLVITLPFELRKHKLIDVISMYRELLKDLSKEAQEVFKAIQSLKTTEVLRNLQDLLQFIFQLIEDNIKQLKEM
KFTYLINYIQDEINTIFSDYIPYVFKLLKENLCLNLHKFNEFIQNELQEASQELQQIHQYIMALREEYFDPSIVGWTVKY
YELEEKIVSLIKNLLVALKDFHSEYIVSASNFTSQLSSQVEQFLHRNIQEYLSILTDPDGKGKEKIAELSATAQEIIKSQ
AIATKKIISDYHQQFRYKLQDFSDQLSDYYEKFIAESKRLIDLSIQNYHTFLIYITELLKKLQSTTVMNPYMKLAPGELT
IIL
;
_entity_poly.pdbx_strand_id   A
#
# COMPACT_ATOMS: atom_id res chain seq x y z
N CYS A 39 34.69 16.17 -28.36
CA CYS A 39 35.72 15.36 -27.74
C CYS A 39 37.08 16.07 -27.78
N PRO A 40 37.55 16.51 -26.64
CA PRO A 40 38.83 17.23 -26.58
C PRO A 40 40.00 16.30 -26.88
N LYS A 41 41.14 16.93 -27.18
CA LYS A 41 42.34 16.16 -27.54
C LYS A 41 42.82 15.30 -26.39
N ASP A 42 42.82 15.83 -25.16
CA ASP A 42 43.36 15.14 -24.00
C ASP A 42 42.37 15.18 -22.85
N ALA A 43 41.10 14.87 -23.14
CA ALA A 43 40.10 14.83 -22.09
C ALA A 43 40.34 13.67 -21.13
N THR A 44 40.57 12.48 -21.66
CA THR A 44 40.76 11.29 -20.85
C THR A 44 42.24 10.97 -20.69
N ARG A 45 42.56 10.23 -19.63
CA ARG A 45 43.90 9.75 -19.37
C ARG A 45 44.07 8.28 -19.74
N PHE A 46 43.34 7.82 -20.76
CA PHE A 46 43.38 6.43 -21.17
C PHE A 46 43.52 6.36 -22.69
N LYS A 47 44.19 5.30 -23.15
CA LYS A 47 44.45 5.09 -24.56
C LYS A 47 43.56 3.98 -25.10
N HIS A 48 42.91 4.23 -26.23
CA HIS A 48 42.05 3.23 -26.82
C HIS A 48 42.89 2.11 -27.42
N LEU A 49 42.20 1.03 -27.80
CA LEU A 49 42.84 -0.23 -28.21
C LEU A 49 43.76 -0.77 -27.12
N ARG A 50 43.60 -0.29 -25.89
CA ARG A 50 44.37 -0.73 -24.73
C ARG A 50 43.37 -0.95 -23.61
N LYS A 51 42.87 -2.17 -23.48
CA LYS A 51 41.91 -2.49 -22.44
C LYS A 51 42.53 -2.28 -21.06
N TYR A 52 41.70 -2.35 -20.03
CA TYR A 52 42.14 -2.05 -18.67
C TYR A 52 41.54 -3.06 -17.71
N THR A 53 42.39 -3.86 -17.09
CA THR A 53 41.96 -4.81 -16.07
C THR A 53 42.14 -4.15 -14.71
N TYR A 54 41.03 -3.75 -14.11
CA TYR A 54 41.08 -3.10 -12.80
C TYR A 54 40.38 -3.98 -11.78
N ASN A 55 40.66 -3.69 -10.51
CA ASN A 55 40.03 -4.41 -9.41
C ASN A 55 39.28 -3.39 -8.56
N TYR A 56 37.96 -3.42 -8.64
CA TYR A 56 37.13 -2.50 -7.88
C TYR A 56 36.81 -3.07 -6.51
N GLU A 57 36.83 -2.21 -5.50
CA GLU A 57 36.47 -2.60 -4.15
C GLU A 57 35.68 -1.49 -3.49
N ALA A 58 34.94 -1.85 -2.45
CA ALA A 58 34.12 -0.90 -1.71
C ALA A 58 33.76 -1.51 -0.36
N GLU A 59 33.68 -0.67 0.66
CA GLU A 59 33.28 -1.09 2.00
C GLU A 59 32.39 -0.01 2.59
N SER A 60 31.16 -0.39 2.94
CA SER A 60 30.18 0.56 3.46
C SER A 60 30.12 0.46 4.99
N SER A 61 31.22 0.82 5.62
CA SER A 61 31.28 0.78 7.08
C SER A 61 30.36 1.84 7.68
N SER A 62 29.81 1.52 8.86
CA SER A 62 28.92 2.47 9.51
C SER A 62 28.90 2.17 11.00
N GLY A 63 28.76 3.22 11.79
CA GLY A 63 28.70 3.07 13.24
C GLY A 63 29.12 4.35 13.94
N VAL A 64 29.52 4.20 15.20
CA VAL A 64 29.97 5.33 15.99
C VAL A 64 31.44 5.19 16.31
N PRO A 65 32.31 5.98 15.70
CA PRO A 65 33.73 5.91 16.02
C PRO A 65 34.00 6.37 17.44
N GLY A 66 35.17 6.00 17.93
CA GLY A 66 35.57 6.36 19.28
C GLY A 66 34.91 5.55 20.37
N THR A 67 33.58 5.47 20.36
CA THR A 67 32.88 4.65 21.33
C THR A 67 33.27 3.19 21.19
N ALA A 68 33.34 2.69 19.96
CA ALA A 68 33.71 1.31 19.71
C ALA A 68 34.40 1.24 18.34
N ASP A 69 34.60 0.02 17.85
CA ASP A 69 35.18 -0.18 16.53
C ASP A 69 34.37 -1.13 15.66
N SER A 70 33.50 -1.96 16.23
CA SER A 70 32.66 -2.84 15.45
C SER A 70 31.72 -2.00 14.59
N ARG A 71 31.69 -2.28 13.30
CA ARG A 71 30.96 -1.46 12.34
C ARG A 71 30.11 -2.31 11.43
N SER A 72 29.02 -1.74 10.95
CA SER A 72 28.18 -2.39 9.94
C SER A 72 28.75 -2.04 8.58
N ALA A 73 29.40 -3.01 7.94
CA ALA A 73 30.04 -2.82 6.65
C ALA A 73 29.63 -3.93 5.71
N THR A 74 29.62 -3.59 4.42
CA THR A 74 29.25 -4.53 3.36
C THR A 74 30.36 -4.47 2.31
N ARG A 75 31.34 -5.35 2.46
CA ARG A 75 32.45 -5.39 1.51
C ARG A 75 31.96 -5.88 0.16
N ILE A 76 32.56 -5.36 -0.90
CA ILE A 76 32.24 -5.81 -2.25
C ILE A 76 33.46 -5.56 -3.13
N ASN A 77 33.74 -6.48 -4.03
CA ASN A 77 34.84 -6.30 -4.96
C ASN A 77 34.52 -7.02 -6.26
N CYS A 78 35.24 -6.65 -7.31
CA CYS A 78 35.01 -7.24 -8.62
C CYS A 78 36.20 -6.98 -9.53
N LYS A 79 36.27 -7.79 -10.58
CA LYS A 79 37.23 -7.59 -11.65
C LYS A 79 36.54 -6.85 -12.79
N VAL A 80 37.09 -5.70 -13.16
CA VAL A 80 36.47 -4.80 -14.14
C VAL A 80 37.31 -4.79 -15.40
N GLU A 81 36.67 -5.10 -16.52
CA GLU A 81 37.28 -5.04 -17.84
C GLU A 81 36.79 -3.76 -18.50
N LEU A 82 37.70 -2.81 -18.69
CA LEU A 82 37.40 -1.57 -19.39
C LEU A 82 37.87 -1.73 -20.82
N GLU A 83 36.91 -1.95 -21.72
CA GLU A 83 37.18 -2.00 -23.15
C GLU A 83 37.15 -0.59 -23.71
N VAL A 84 38.01 -0.33 -24.68
CA VAL A 84 38.23 1.02 -25.17
C VAL A 84 38.06 1.06 -26.69
N PRO A 85 36.82 1.09 -27.18
CA PRO A 85 36.63 1.07 -28.65
C PRO A 85 37.31 2.22 -29.37
N GLN A 86 37.33 3.41 -28.78
CA GLN A 86 37.93 4.59 -29.39
C GLN A 86 38.03 5.66 -28.33
N LEU A 87 38.43 6.86 -28.74
CA LEU A 87 38.51 7.99 -27.83
C LEU A 87 37.12 8.35 -27.32
N CYS A 88 37.07 8.81 -26.06
CA CYS A 88 35.84 9.17 -25.35
C CYS A 88 34.70 8.19 -25.63
N SER A 89 35.04 6.91 -25.75
CA SER A 89 34.08 5.85 -25.97
C SER A 89 34.57 4.62 -25.23
N PHE A 90 33.69 4.02 -24.43
CA PHE A 90 34.15 2.98 -23.51
C PHE A 90 33.08 1.90 -23.38
N ILE A 91 33.53 0.72 -22.97
CA ILE A 91 32.66 -0.41 -22.69
C ILE A 91 33.05 -0.98 -21.33
N LEU A 92 32.05 -1.29 -20.53
CA LEU A 92 32.23 -1.85 -19.20
C LEU A 92 31.81 -3.31 -19.19
N LYS A 93 32.71 -4.16 -18.68
CA LYS A 93 32.38 -5.53 -18.34
C LYS A 93 32.89 -5.81 -16.94
N THR A 94 32.28 -6.77 -16.26
CA THR A 94 32.73 -7.11 -14.93
C THR A 94 32.48 -8.59 -14.66
N SER A 95 33.35 -9.17 -13.84
CA SER A 95 33.23 -10.57 -13.47
C SER A 95 33.85 -10.77 -12.10
N GLN A 96 33.41 -11.83 -11.43
CA GLN A 96 33.85 -12.15 -10.07
C GLN A 96 33.48 -11.05 -9.09
N CYS A 97 32.27 -10.52 -9.24
CA CYS A 97 31.73 -9.52 -8.32
C CYS A 97 31.29 -10.24 -7.06
N THR A 98 32.20 -10.34 -6.10
CA THR A 98 31.96 -11.05 -4.85
C THR A 98 31.70 -10.05 -3.73
N LEU A 99 30.66 -10.31 -2.96
CA LEU A 99 30.30 -9.48 -1.82
C LEU A 99 30.58 -10.23 -0.53
N LYS A 100 31.12 -9.52 0.45
CA LYS A 100 31.49 -10.07 1.74
C LYS A 100 30.74 -9.35 2.84
N GLU A 101 30.36 -10.09 3.86
CA GLU A 101 29.49 -9.60 4.92
C GLU A 101 30.21 -9.72 6.26
N VAL A 102 30.07 -8.68 7.09
CA VAL A 102 30.68 -8.68 8.41
C VAL A 102 29.80 -9.47 9.36
N TYR A 103 30.42 -10.40 10.11
CA TYR A 103 29.69 -11.17 11.09
C TYR A 103 30.48 -11.44 12.36
N GLY A 104 31.65 -10.83 12.53
CA GLY A 104 32.43 -11.06 13.74
C GLY A 104 33.64 -10.17 13.80
N PHE A 105 34.26 -10.15 14.98
CA PHE A 105 35.46 -9.36 15.23
C PHE A 105 36.33 -10.07 16.25
N ASN A 106 37.61 -9.73 16.26
CA ASN A 106 38.56 -10.32 17.20
C ASN A 106 39.36 -9.23 17.90
N LYS A 110 38.99 -8.27 13.95
CA LYS A 110 39.08 -8.97 12.68
C LYS A 110 37.73 -9.04 11.99
N ALA A 111 37.56 -8.26 10.93
CA ALA A 111 36.29 -8.18 10.21
C ALA A 111 36.05 -9.50 9.49
N LEU A 112 35.21 -10.34 10.06
CA LEU A 112 34.92 -11.64 9.47
C LEU A 112 34.04 -11.46 8.24
N LEU A 113 34.41 -12.13 7.14
CA LEU A 113 33.73 -11.99 5.87
C LEU A 113 33.45 -13.35 5.28
N LYS A 114 32.37 -13.42 4.49
CA LYS A 114 31.94 -14.66 3.86
C LYS A 114 31.24 -14.32 2.55
N LYS A 115 30.51 -15.30 2.01
CA LYS A 115 29.76 -15.13 0.77
C LYS A 115 28.27 -15.22 1.06
N THR A 116 27.53 -14.21 0.60
CA THR A 116 26.09 -14.20 0.81
C THR A 116 25.40 -15.16 -0.15
N LYS A 117 24.18 -15.56 0.23
CA LYS A 117 23.33 -16.28 -0.71
C LYS A 117 22.88 -15.39 -1.87
N ASN A 118 22.96 -14.08 -1.70
CA ASN A 118 22.64 -13.14 -2.77
C ASN A 118 23.84 -12.89 -3.69
N SER A 119 25.03 -13.29 -3.29
CA SER A 119 26.24 -12.91 -4.01
C SER A 119 26.26 -13.49 -5.43
N GLU A 120 25.85 -14.75 -5.58
CA GLU A 120 26.00 -15.41 -6.86
C GLU A 120 25.10 -14.80 -7.92
N GLU A 121 23.81 -14.61 -7.61
CA GLU A 121 22.93 -13.97 -8.57
C GLU A 121 23.30 -12.52 -8.78
N PHE A 122 23.85 -11.87 -7.76
CA PHE A 122 24.34 -10.50 -7.92
C PHE A 122 25.44 -10.45 -8.98
N ALA A 123 26.43 -11.35 -8.87
CA ALA A 123 27.49 -11.39 -9.87
C ALA A 123 26.94 -11.82 -11.23
N ALA A 124 25.91 -12.65 -11.24
CA ALA A 124 25.27 -13.01 -12.50
C ALA A 124 24.67 -11.78 -13.18
N ALA A 125 24.01 -10.92 -12.39
CA ALA A 125 23.51 -9.66 -12.93
C ALA A 125 24.64 -8.76 -13.39
N MET A 126 25.73 -8.72 -12.61
CA MET A 126 26.90 -7.93 -12.98
C MET A 126 27.43 -8.34 -14.35
N SER A 127 27.66 -9.62 -14.55
CA SER A 127 28.20 -10.12 -15.82
C SER A 127 27.13 -10.33 -16.86
N ARG A 128 25.87 -10.06 -16.53
CA ARG A 128 24.78 -10.31 -17.47
C ARG A 128 24.88 -9.44 -18.71
N TYR A 129 25.24 -8.18 -18.55
CA TYR A 129 25.31 -7.25 -19.68
C TYR A 129 26.56 -6.40 -19.56
N GLU A 130 26.99 -5.87 -20.71
CA GLU A 130 28.04 -4.87 -20.78
C GLU A 130 27.41 -3.49 -20.94
N LEU A 131 28.21 -2.46 -20.64
CA LEU A 131 27.72 -1.09 -20.67
C LEU A 131 28.53 -0.27 -21.66
N LYS A 132 27.94 0.83 -22.15
CA LYS A 132 28.66 1.73 -23.03
C LYS A 132 28.70 3.13 -22.43
N LEU A 133 29.84 3.79 -22.61
CA LEU A 133 30.12 5.08 -22.01
C LEU A 133 30.55 6.08 -23.08
N ALA A 134 29.97 7.27 -23.04
CA ALA A 134 30.36 8.36 -23.91
C ALA A 134 30.74 9.57 -23.08
N ILE A 135 31.84 10.22 -23.45
CA ILE A 135 32.18 11.49 -22.81
C ILE A 135 32.63 12.48 -23.89
N PRO A 136 31.73 12.92 -24.76
CA PRO A 136 32.10 13.96 -25.72
C PRO A 136 32.31 15.30 -25.01
N GLU A 137 33.15 16.14 -25.62
CA GLU A 137 33.45 17.49 -25.15
C GLU A 137 34.10 17.51 -23.77
N GLY A 138 34.41 16.35 -23.20
CA GLY A 138 35.07 16.29 -21.92
C GLY A 138 34.12 16.39 -20.74
N LYS A 139 33.06 17.20 -20.89
CA LYS A 139 32.11 17.38 -19.81
C LYS A 139 30.87 16.50 -19.97
N GLN A 140 30.25 16.52 -21.14
CA GLN A 140 29.01 15.77 -21.36
C GLN A 140 29.29 14.28 -21.33
N VAL A 141 28.58 13.56 -20.47
CA VAL A 141 28.74 12.13 -20.30
C VAL A 141 27.39 11.46 -20.49
N PHE A 142 27.39 10.32 -21.17
CA PHE A 142 26.16 9.61 -21.50
C PHE A 142 26.35 8.12 -21.28
N LEU A 143 25.29 7.50 -20.76
CA LEU A 143 25.25 6.07 -20.49
C LEU A 143 24.43 5.39 -21.57
N TYR A 144 24.97 4.29 -22.10
CA TYR A 144 24.24 3.44 -23.04
C TYR A 144 24.09 2.09 -22.35
N PRO A 145 22.96 1.85 -21.72
CA PRO A 145 22.73 0.58 -21.01
C PRO A 145 22.06 -0.44 -21.92
N GLU A 146 21.99 -1.66 -21.41
CA GLU A 146 21.14 -2.66 -22.02
C GLU A 146 19.68 -2.33 -21.71
N LYS A 147 18.81 -2.56 -22.70
CA LYS A 147 17.41 -2.15 -22.56
C LYS A 147 16.74 -2.87 -21.40
N ASP A 148 17.02 -4.17 -21.25
CA ASP A 148 16.42 -4.97 -20.19
C ASP A 148 17.26 -4.99 -18.92
N GLU A 149 18.37 -4.26 -18.89
CA GLU A 149 19.24 -4.32 -17.72
C GLU A 149 18.57 -3.66 -16.53
N PRO A 150 18.48 -4.33 -15.39
CA PRO A 150 17.76 -3.76 -14.23
C PRO A 150 18.40 -2.47 -13.76
N THR A 151 17.53 -1.53 -13.34
CA THR A 151 17.96 -0.17 -13.05
C THR A 151 18.92 -0.12 -11.87
N TYR A 152 18.66 -0.91 -10.83
CA TYR A 152 19.56 -0.91 -9.69
C TYR A 152 20.94 -1.40 -10.11
N ILE A 153 21.01 -2.42 -10.95
CA ILE A 153 22.29 -2.83 -11.51
C ILE A 153 22.91 -1.68 -12.29
N LEU A 154 22.08 -0.93 -13.01
CA LEU A 154 22.58 0.18 -13.81
C LEU A 154 23.23 1.24 -12.93
N ASN A 155 22.56 1.64 -11.86
CA ASN A 155 23.14 2.66 -11.00
C ASN A 155 24.29 2.11 -10.17
N ILE A 156 24.31 0.81 -9.93
CA ILE A 156 25.48 0.18 -9.32
C ILE A 156 26.69 0.39 -10.22
N LYS A 157 26.54 0.06 -11.50
CA LYS A 157 27.62 0.27 -12.45
C LYS A 157 27.97 1.75 -12.55
N ARG A 158 26.97 2.62 -12.49
CA ARG A 158 27.21 4.05 -12.53
C ARG A 158 28.07 4.49 -11.35
N GLY A 159 27.75 4.01 -10.16
CA GLY A 159 28.58 4.32 -9.00
C GLY A 159 29.98 3.79 -9.15
N ILE A 160 30.12 2.59 -9.71
CA ILE A 160 31.44 2.01 -9.90
C ILE A 160 32.27 2.87 -10.83
N ILE A 161 31.67 3.29 -11.95
CA ILE A 161 32.40 4.06 -12.95
C ILE A 161 32.55 5.52 -12.57
N SER A 162 31.80 5.99 -11.56
CA SER A 162 31.87 7.39 -11.18
C SER A 162 33.28 7.78 -10.76
N ALA A 163 33.93 6.95 -9.95
CA ALA A 163 35.27 7.27 -9.50
C ALA A 163 36.31 7.11 -10.60
N LEU A 164 35.96 6.43 -11.69
CA LEU A 164 36.93 6.18 -12.75
C LEU A 164 37.38 7.44 -13.46
N LEU A 165 36.59 8.50 -13.39
CA LEU A 165 36.97 9.74 -14.07
C LEU A 165 38.13 10.39 -13.35
N VAL A 166 39.04 10.97 -14.12
CA VAL A 166 40.19 11.71 -13.60
C VAL A 166 40.41 12.94 -14.45
N PRO A 167 40.53 14.12 -13.85
CA PRO A 167 40.66 15.34 -14.63
C PRO A 167 42.11 15.61 -14.99
N PRO A 168 42.37 16.16 -16.18
CA PRO A 168 43.75 16.41 -16.60
C PRO A 168 44.43 17.43 -15.70
N GLU A 169 45.76 17.38 -15.73
CA GLU A 169 46.57 18.23 -14.86
C GLU A 169 46.50 19.69 -15.31
N THR A 170 46.97 20.58 -14.42
CA THR A 170 47.13 21.99 -14.72
C THR A 170 48.39 22.48 -14.02
N GLU A 171 48.75 23.75 -14.27
CA GLU A 171 49.92 24.32 -13.63
C GLU A 171 49.77 24.37 -12.12
N GLU A 172 48.58 24.73 -11.64
CA GLU A 172 48.34 24.80 -10.20
C GLU A 172 48.21 23.41 -9.62
N ALA A 173 49.03 23.10 -8.62
CA ALA A 173 48.95 21.81 -7.95
C ALA A 173 47.60 21.64 -7.26
N LYS A 174 47.12 22.70 -6.61
CA LYS A 174 45.84 22.68 -5.92
C LYS A 174 44.81 23.42 -6.76
N GLN A 175 43.67 22.78 -6.99
CA GLN A 175 42.61 23.37 -7.80
C GLN A 175 41.28 22.79 -7.37
N VAL A 176 40.21 23.54 -7.63
CA VAL A 176 38.85 23.08 -7.40
C VAL A 176 38.06 23.31 -8.68
N LEU A 177 37.40 22.26 -9.16
CA LEU A 177 36.71 22.33 -10.43
C LEU A 177 35.33 21.71 -10.31
N PHE A 178 34.36 22.28 -11.03
CA PHE A 178 33.05 21.65 -11.16
C PHE A 178 33.18 20.44 -12.08
N LEU A 179 32.95 19.26 -11.52
CA LEU A 179 33.03 18.01 -12.28
C LEU A 179 31.79 17.18 -11.97
N ASP A 180 31.30 16.48 -12.98
CA ASP A 180 30.11 15.67 -12.82
C ASP A 180 30.47 14.32 -12.20
N THR A 181 29.51 13.77 -11.46
CA THR A 181 29.65 12.44 -10.87
C THR A 181 28.37 11.68 -11.11
N VAL A 182 28.23 10.54 -10.44
CA VAL A 182 26.98 9.80 -10.47
C VAL A 182 25.82 10.65 -9.99
N TYR A 183 26.12 11.72 -9.24
CA TYR A 183 25.10 12.66 -8.79
C TYR A 183 25.38 14.05 -9.32
N GLY A 184 25.68 14.16 -10.62
CA GLY A 184 25.76 15.44 -11.30
C GLY A 184 27.00 16.25 -10.95
N ASN A 185 26.95 17.51 -11.35
CA ASN A 185 28.10 18.38 -11.13
C ASN A 185 28.24 18.75 -9.67
N CYS A 186 29.46 18.62 -9.15
CA CYS A 186 29.80 19.02 -7.79
C CYS A 186 31.18 19.66 -7.82
N SER A 187 31.66 20.06 -6.65
CA SER A 187 32.94 20.75 -6.52
C SER A 187 34.01 19.74 -6.15
N THR A 188 34.71 19.24 -7.16
CA THR A 188 35.88 18.41 -6.96
C THR A 188 37.09 19.29 -6.62
N HIS A 189 38.11 18.67 -6.04
CA HIS A 189 39.28 19.38 -5.55
C HIS A 189 40.53 18.78 -6.22
N PHE A 190 40.94 19.38 -7.34
CA PHE A 190 42.16 18.94 -8.02
C PHE A 190 43.34 19.34 -7.15
N THR A 191 43.85 18.39 -6.38
CA THR A 191 44.95 18.63 -5.45
C THR A 191 46.08 17.67 -5.77
N VAL A 192 47.16 18.20 -6.34
CA VAL A 192 48.31 17.38 -6.68
C VAL A 192 48.93 16.86 -5.39
N LYS A 193 48.88 15.53 -5.19
CA LYS A 193 49.56 14.95 -4.04
C LYS A 193 51.06 15.22 -4.11
N THR A 194 51.64 14.98 -5.28
CA THR A 194 53.02 15.35 -5.57
C THR A 194 53.22 15.25 -7.08
N ARG A 195 53.92 16.23 -7.64
CA ARG A 195 54.09 16.33 -9.07
C ARG A 195 55.55 16.11 -9.44
N LYS A 196 55.75 15.47 -10.59
CA LYS A 196 57.05 15.40 -11.23
C LYS A 196 57.32 16.63 -12.09
N GLY A 197 56.63 17.73 -11.82
CA GLY A 197 56.72 18.93 -12.64
C GLY A 197 55.81 18.82 -13.84
N ASN A 198 56.23 18.02 -14.82
CA ASN A 198 55.39 17.76 -15.98
C ASN A 198 54.14 16.98 -15.59
N VAL A 199 54.29 15.98 -14.73
CA VAL A 199 53.21 15.05 -14.40
C VAL A 199 53.11 14.91 -12.89
N ALA A 200 51.97 14.39 -12.45
CA ALA A 200 51.71 14.08 -11.04
C ALA A 200 50.89 12.78 -10.99
N THR A 201 51.58 11.65 -10.90
CA THR A 201 50.88 10.37 -10.81
C THR A 201 50.00 10.33 -9.57
N GLU A 202 50.58 10.68 -8.42
CA GLU A 202 49.83 10.82 -7.19
C GLU A 202 49.05 12.12 -7.18
N ILE A 203 47.82 12.06 -6.67
CA ILE A 203 46.86 13.14 -6.78
C ILE A 203 45.80 12.89 -5.73
N SER A 204 45.06 13.93 -5.34
CA SER A 204 43.98 13.74 -4.41
C SER A 204 42.82 14.66 -4.77
N THR A 205 41.63 14.27 -4.32
CA THR A 205 40.42 15.00 -4.64
C THR A 205 39.43 14.92 -3.50
N GLU A 206 38.74 16.03 -3.26
CA GLU A 206 37.63 16.11 -2.32
C GLU A 206 36.38 16.51 -3.05
N ARG A 207 35.26 15.92 -2.67
CA ARG A 207 33.94 16.34 -3.15
C ARG A 207 33.01 16.35 -1.94
N ASP A 208 32.77 17.54 -1.40
CA ASP A 208 31.82 17.67 -0.29
C ASP A 208 30.42 17.40 -0.82
N LEU A 209 29.89 16.22 -0.48
CA LEU A 209 28.63 15.78 -1.06
C LEU A 209 27.45 16.66 -0.68
N GLY A 210 27.58 17.49 0.34
CA GLY A 210 26.53 18.43 0.66
C GLY A 210 26.38 19.56 -0.34
N GLN A 211 27.23 19.63 -1.34
CA GLN A 211 27.22 20.68 -2.36
C GLN A 211 27.17 20.08 -3.75
N CYS A 212 26.25 19.12 -3.95
CA CYS A 212 26.05 18.48 -5.24
C CYS A 212 24.72 18.94 -5.84
N ASP A 213 24.70 19.01 -7.17
CA ASP A 213 23.48 19.43 -7.87
C ASP A 213 22.36 18.41 -7.68
N ARG A 214 22.69 17.12 -7.69
CA ARG A 214 21.71 16.06 -7.53
C ARG A 214 21.43 15.72 -6.07
N PHE A 215 21.68 16.65 -5.16
CA PHE A 215 21.50 16.47 -3.73
C PHE A 215 20.05 16.39 -3.31
N LYS A 216 19.10 16.34 -4.25
CA LYS A 216 17.70 16.34 -3.89
C LYS A 216 17.34 15.04 -3.16
N PRO A 217 16.54 15.13 -2.09
CA PRO A 217 16.04 13.91 -1.45
C PRO A 217 14.97 13.23 -2.28
N ILE A 218 14.33 12.20 -1.75
CA ILE A 218 13.34 11.45 -2.51
C ILE A 218 12.11 11.19 -1.64
N ARG A 219 11.00 10.88 -2.32
CA ARG A 219 9.82 10.43 -1.61
C ARG A 219 9.98 8.97 -1.22
N THR A 220 9.34 8.60 -0.12
CA THR A 220 9.44 7.24 0.41
C THR A 220 8.07 6.76 0.87
N GLY A 221 7.95 5.45 1.01
CA GLY A 221 6.70 4.84 1.43
C GLY A 221 6.43 5.06 2.91
N ILE A 222 6.28 6.33 3.29
CA ILE A 222 6.10 6.73 4.67
C ILE A 222 4.73 6.29 5.17
N SER A 223 4.53 6.35 6.47
CA SER A 223 3.21 6.04 7.02
C SER A 223 2.19 7.05 6.53
N PRO A 224 0.95 6.64 6.28
CA PRO A 224 -0.06 7.58 5.77
C PRO A 224 -0.35 8.75 6.69
N LEU A 225 -0.10 8.60 7.99
CA LEU A 225 -0.39 9.64 8.97
C LEU A 225 0.84 10.44 9.35
N ALA A 226 1.72 10.71 8.39
CA ALA A 226 2.92 11.49 8.64
C ALA A 226 2.59 12.95 8.97
N MET A 231 9.67 17.17 7.01
CA MET A 231 10.96 17.77 7.30
C MET A 231 12.08 17.07 6.54
N THR A 232 12.57 17.73 5.49
CA THR A 232 13.63 17.18 4.66
C THR A 232 14.91 18.00 4.74
N ARG A 233 14.83 19.28 4.41
CA ARG A 233 16.01 20.15 4.49
C ARG A 233 16.62 20.20 5.88
N PRO A 234 15.85 20.33 6.98
CA PRO A 234 16.49 20.29 8.31
C PRO A 234 17.24 19.00 8.55
N LEU A 235 16.72 17.87 8.06
CA LEU A 235 17.43 16.61 8.19
C LEU A 235 18.74 16.65 7.41
N SER A 236 18.72 17.27 6.23
CA SER A 236 19.96 17.44 5.47
C SER A 236 20.96 18.28 6.24
N THR A 237 20.49 19.31 6.93
CA THR A 237 21.39 20.17 7.69
C THR A 237 22.07 19.39 8.82
N LEU A 238 21.32 18.53 9.51
CA LEU A 238 21.85 17.81 10.66
C LEU A 238 22.63 16.55 10.27
N ILE A 239 23.03 16.41 9.01
CA ILE A 239 23.80 15.25 8.58
C ILE A 239 25.00 15.73 7.79
N SER A 240 26.04 14.90 7.77
CA SER A 240 27.23 15.17 6.99
C SER A 240 27.26 14.31 5.74
N SER A 241 27.93 14.81 4.71
CA SER A 241 28.06 14.08 3.46
C SER A 241 29.26 14.63 2.71
N SER A 242 30.32 13.84 2.58
CA SER A 242 31.48 14.28 1.80
C SER A 242 32.29 13.06 1.40
N GLN A 243 33.18 13.26 0.43
CA GLN A 243 34.18 12.27 0.09
C GLN A 243 35.54 12.95 0.01
N SER A 244 36.58 12.24 0.44
CA SER A 244 37.93 12.79 0.41
C SER A 244 38.87 11.63 0.14
N CYS A 245 39.68 11.73 -0.91
CA CYS A 245 40.38 10.53 -1.35
C CYS A 245 41.51 10.89 -2.29
N GLN A 246 42.14 9.86 -2.86
CA GLN A 246 43.37 10.08 -3.60
C GLN A 246 43.52 8.98 -4.64
N TYR A 247 44.44 9.24 -5.57
CA TYR A 247 44.54 8.49 -6.80
C TYR A 247 46.00 8.48 -7.21
N THR A 248 46.38 7.47 -7.99
CA THR A 248 47.75 7.32 -8.44
C THR A 248 47.73 6.98 -9.91
N LEU A 249 48.27 7.88 -10.72
CA LEU A 249 48.45 7.67 -12.15
C LEU A 249 49.76 6.90 -12.37
N ASP A 250 50.20 6.80 -13.60
CA ASP A 250 51.54 6.31 -13.90
C ASP A 250 52.28 7.35 -14.72
N ALA A 251 53.57 7.52 -14.42
CA ALA A 251 54.37 8.45 -15.20
C ALA A 251 54.60 7.92 -16.61
N LYS A 252 54.66 6.60 -16.76
CA LYS A 252 54.97 6.02 -18.08
C LYS A 252 53.88 6.33 -19.09
N ARG A 253 52.60 6.23 -18.70
CA ARG A 253 51.52 6.33 -19.65
C ARG A 253 50.34 7.16 -19.17
N LYS A 254 50.47 7.88 -18.06
CA LYS A 254 49.43 8.78 -17.56
C LYS A 254 48.11 8.04 -17.32
N HIS A 255 48.19 6.76 -16.98
CA HIS A 255 47.03 5.96 -16.63
C HIS A 255 46.99 5.76 -15.13
N VAL A 256 45.80 5.75 -14.57
CA VAL A 256 45.65 5.65 -13.12
C VAL A 256 46.20 4.31 -12.67
N ALA A 257 47.30 4.35 -11.91
CA ALA A 257 47.84 3.13 -11.33
C ALA A 257 46.82 2.50 -10.38
N GLU A 258 46.46 3.24 -9.34
CA GLU A 258 45.52 2.73 -8.33
C GLU A 258 44.83 3.89 -7.64
N ALA A 259 43.52 3.77 -7.44
CA ALA A 259 42.72 4.83 -6.85
C ALA A 259 42.05 4.32 -5.59
N ILE A 260 41.89 5.20 -4.60
CA ILE A 260 41.17 4.86 -3.38
C ILE A 260 40.30 6.05 -3.01
N CYS A 261 39.05 5.76 -2.62
CA CYS A 261 38.16 6.80 -2.14
C CYS A 261 37.44 6.36 -0.89
N LYS A 262 37.23 7.31 0.02
CA LYS A 262 36.44 7.11 1.22
C LYS A 262 35.56 8.33 1.42
N GLU A 263 34.46 8.11 2.14
CA GLU A 263 33.45 9.13 2.33
C GLU A 263 33.07 9.17 3.80
N GLN A 264 32.29 10.20 4.15
CA GLN A 264 31.82 10.42 5.51
C GLN A 264 30.37 10.86 5.45
N HIS A 265 29.56 10.31 6.36
CA HIS A 265 28.14 10.62 6.42
C HIS A 265 27.73 10.48 7.89
N LEU A 266 27.81 11.60 8.62
CA LEU A 266 27.68 11.59 10.07
C LEU A 266 26.43 12.31 10.52
N PHE A 267 25.76 11.74 11.52
CA PHE A 267 24.65 12.41 12.18
C PHE A 267 25.22 13.55 13.02
N LEU A 268 25.04 14.77 12.54
CA LEU A 268 25.72 15.92 13.14
C LEU A 268 25.31 16.20 14.58
N PRO A 269 24.04 16.19 14.98
CA PRO A 269 23.72 16.48 16.38
C PRO A 269 24.38 15.49 17.33
N PHE A 270 24.84 16.01 18.46
CA PHE A 270 25.52 15.25 19.51
C PHE A 270 26.82 14.63 19.05
N SER A 271 27.27 14.93 17.83
CA SER A 271 28.54 14.42 17.35
C SER A 271 29.69 15.11 18.06
N TYR A 272 30.82 14.42 18.14
CA TYR A 272 32.02 14.94 18.79
C TYR A 272 32.97 15.44 17.72
N LYS A 273 33.05 16.77 17.58
CA LYS A 273 33.99 17.42 16.66
C LYS A 273 33.85 16.86 15.25
N ASN A 274 32.59 16.68 14.82
CA ASN A 274 32.22 16.11 13.52
C ASN A 274 33.07 14.88 13.18
N LYS A 275 33.46 14.12 14.20
CA LYS A 275 34.28 12.94 13.99
C LYS A 275 33.82 11.74 14.81
N TYR A 276 32.72 11.84 15.55
CA TYR A 276 32.18 10.73 16.31
C TYR A 276 30.66 10.78 16.26
N GLY A 277 30.04 9.62 16.46
CA GLY A 277 28.61 9.50 16.38
C GLY A 277 28.19 8.63 15.21
N MET A 278 26.89 8.65 14.92
CA MET A 278 26.34 7.82 13.86
C MET A 278 26.87 8.33 12.52
N VAL A 279 27.84 7.59 11.97
CA VAL A 279 28.50 7.97 10.74
C VAL A 279 28.45 6.80 9.78
N ALA A 280 28.50 7.12 8.49
CA ALA A 280 28.53 6.12 7.42
C ALA A 280 29.68 6.46 6.50
N GLN A 281 30.74 5.65 6.54
CA GLN A 281 31.91 5.84 5.71
C GLN A 281 31.97 4.71 4.70
N VAL A 282 31.90 5.06 3.42
CA VAL A 282 31.91 4.09 2.34
C VAL A 282 33.21 4.23 1.57
N THR A 283 33.80 3.09 1.23
CA THR A 283 35.02 3.05 0.46
C THR A 283 34.71 2.70 -0.99
N GLN A 284 35.65 3.01 -1.87
CA GLN A 284 35.57 2.69 -3.29
C GLN A 284 36.98 2.70 -3.83
N THR A 285 37.57 1.53 -4.05
CA THR A 285 38.96 1.45 -4.46
C THR A 285 39.08 0.69 -5.77
N LEU A 286 39.97 1.17 -6.64
CA LEU A 286 40.28 0.54 -7.92
C LEU A 286 41.76 0.19 -7.95
N LYS A 287 42.06 -1.02 -8.40
CA LYS A 287 43.42 -1.52 -8.47
C LYS A 287 43.68 -2.01 -9.88
N LEU A 288 44.68 -1.44 -10.54
CA LEU A 288 45.07 -1.92 -11.85
C LEU A 288 45.72 -3.29 -11.73
N GLU A 289 45.48 -4.13 -12.72
CA GLU A 289 46.19 -5.40 -12.83
C GLU A 289 46.89 -5.57 -14.17
N ASP A 290 46.26 -5.13 -15.26
CA ASP A 290 46.88 -5.22 -16.58
C ASP A 290 46.20 -4.22 -17.49
N THR A 291 46.90 -3.89 -18.58
CA THR A 291 46.38 -3.01 -19.63
C THR A 291 46.54 -3.73 -20.96
N PRO A 292 45.70 -4.72 -21.24
CA PRO A 292 45.80 -5.47 -22.48
C PRO A 292 45.27 -4.64 -23.65
N LYS A 293 45.25 -5.26 -24.83
CA LYS A 293 44.83 -4.58 -26.05
C LYS A 293 43.40 -4.04 -25.95
N ARG A 297 37.71 -1.54 -31.60
CA ARG A 297 37.50 -0.52 -32.62
C ARG A 297 36.05 -0.06 -32.63
N PHE A 298 35.15 -0.98 -32.98
CA PHE A 298 33.72 -0.66 -33.00
C PHE A 298 33.23 -0.34 -31.60
N PHE A 299 32.34 0.64 -31.51
CA PHE A 299 31.71 1.02 -30.25
C PHE A 299 30.23 0.67 -30.29
N GLY A 300 29.78 -0.06 -29.28
CA GLY A 300 28.38 -0.41 -29.19
C GLY A 300 27.49 0.75 -28.84
N GLU A 301 26.68 1.20 -29.79
CA GLU A 301 25.77 2.32 -29.58
C GLU A 301 24.50 1.83 -28.89
N GLY A 302 24.10 2.53 -27.84
CA GLY A 302 22.89 2.22 -27.11
C GLY A 302 21.82 3.26 -27.39
N THR A 303 20.59 2.78 -27.60
CA THR A 303 19.48 3.68 -27.90
C THR A 303 19.20 4.62 -26.73
N LYS A 304 19.21 4.09 -25.51
CA LYS A 304 18.90 4.88 -24.32
C LYS A 304 20.12 5.72 -23.96
N LYS A 305 20.05 7.01 -24.26
CA LYS A 305 21.13 7.94 -23.91
C LYS A 305 21.01 8.31 -22.43
N MET A 306 21.18 7.29 -21.60
CA MET A 306 21.02 7.47 -20.16
C MET A 306 22.09 8.41 -19.62
N GLY A 307 21.73 9.14 -18.58
CA GLY A 307 22.64 10.05 -17.92
C GLY A 307 23.24 9.41 -16.68
N LEU A 308 24.45 9.85 -16.35
CA LEU A 308 25.15 9.33 -15.17
C LEU A 308 24.41 9.65 -13.89
N ALA A 309 23.46 10.60 -13.93
CA ALA A 309 22.69 10.94 -12.75
C ALA A 309 22.02 9.69 -12.19
N PHE A 310 22.08 9.56 -10.87
CA PHE A 310 21.51 8.40 -10.19
C PHE A 310 20.01 8.30 -10.44
N GLU A 311 19.55 7.07 -10.66
CA GLU A 311 18.13 6.80 -10.78
C GLU A 311 17.59 6.27 -9.45
N SER A 312 16.49 6.85 -9.00
CA SER A 312 15.91 6.44 -7.73
C SER A 312 15.34 5.03 -7.85
N THR A 313 15.69 4.17 -6.90
CA THR A 313 15.19 2.81 -6.84
C THR A 313 14.66 2.53 -5.45
N LYS A 314 13.46 1.98 -5.37
CA LYS A 314 12.86 1.67 -4.09
C LYS A 314 13.68 0.58 -3.39
N SER A 315 14.00 0.82 -2.12
CA SER A 315 14.72 -0.18 -1.35
C SER A 315 13.87 -1.43 -1.20
N THR A 316 14.47 -2.58 -1.49
CA THR A 316 13.71 -3.82 -1.55
C THR A 316 14.64 -4.97 -1.19
N SER A 317 14.05 -6.10 -0.82
CA SER A 317 14.77 -7.33 -0.58
C SER A 317 13.97 -8.48 -1.21
N PRO A 318 14.63 -9.45 -1.81
CA PRO A 318 13.91 -10.55 -2.43
C PRO A 318 13.31 -11.46 -1.37
N PRO A 319 12.43 -12.39 -1.76
CA PRO A 319 11.87 -13.31 -0.76
C PRO A 319 12.95 -14.05 0.01
N LYS A 320 14.06 -14.38 -0.63
CA LYS A 320 15.19 -14.97 0.09
C LYS A 320 15.65 -14.04 1.20
N GLN A 321 15.73 -12.74 0.92
CA GLN A 321 16.02 -11.76 1.96
C GLN A 321 14.75 -11.28 2.66
N ALA A 322 13.57 -11.74 2.23
CA ALA A 322 12.32 -11.41 2.89
C ALA A 322 11.65 -12.65 3.49
N GLU A 323 12.41 -13.74 3.69
CA GLU A 323 11.83 -14.95 4.26
C GLU A 323 11.34 -14.72 5.68
N ALA A 324 12.12 -14.02 6.49
CA ALA A 324 11.86 -13.89 7.92
C ALA A 324 10.72 -12.95 8.24
N VAL A 325 10.02 -12.42 7.23
CA VAL A 325 8.89 -11.53 7.51
C VAL A 325 7.85 -12.25 8.35
N LEU A 326 7.64 -13.54 8.09
CA LEU A 326 6.76 -14.33 8.94
C LEU A 326 7.30 -14.41 10.35
N LYS A 327 8.61 -14.64 10.49
CA LYS A 327 9.23 -14.54 11.81
C LYS A 327 9.11 -13.12 12.34
N THR A 328 9.12 -12.13 11.43
CA THR A 328 8.88 -10.76 11.82
C THR A 328 7.50 -10.60 12.46
N LEU A 329 6.59 -11.54 12.20
CA LEU A 329 5.34 -11.61 12.92
C LEU A 329 5.41 -12.56 14.10
N GLN A 330 6.22 -13.61 13.99
CA GLN A 330 6.36 -14.55 15.10
C GLN A 330 6.97 -13.89 16.32
N GLU A 331 7.75 -12.83 16.11
CA GLU A 331 8.41 -12.14 17.22
C GLU A 331 7.39 -11.58 18.19
N LEU A 332 6.36 -10.89 17.67
CA LEU A 332 5.29 -10.40 18.52
C LEU A 332 4.41 -11.52 19.04
N LYS A 333 4.56 -12.73 18.51
CA LYS A 333 3.94 -13.89 19.14
C LYS A 333 4.63 -14.23 20.46
N LYS A 334 5.92 -13.94 20.56
CA LYS A 334 6.66 -14.29 21.78
C LYS A 334 6.10 -13.53 22.98
N LEU A 335 5.84 -12.23 22.83
CA LEU A 335 5.24 -11.45 23.91
C LEU A 335 3.86 -11.93 24.28
N THR A 336 3.31 -12.91 23.56
CA THR A 336 2.10 -13.58 24.01
C THR A 336 2.33 -14.29 25.34
N ILE A 337 3.47 -14.95 25.49
CA ILE A 337 3.83 -15.67 26.70
C ILE A 337 4.94 -14.97 27.47
N SER A 338 6.01 -14.56 26.76
CA SER A 338 7.08 -13.83 27.42
C SER A 338 6.58 -12.52 28.01
N GLU A 339 5.66 -11.86 27.30
CA GLU A 339 4.95 -10.68 27.77
C GLU A 339 5.87 -9.48 27.98
N GLN A 340 7.14 -9.59 27.63
CA GLN A 340 8.04 -8.47 27.73
C GLN A 340 7.79 -7.51 26.57
N ASN A 341 6.78 -6.65 26.74
CA ASN A 341 6.33 -5.77 25.67
C ASN A 341 7.21 -4.53 25.54
N ILE A 342 8.38 -4.52 26.16
CA ILE A 342 9.29 -3.39 26.05
C ILE A 342 9.74 -3.20 24.61
N GLN A 343 10.05 -4.31 23.93
CA GLN A 343 10.59 -4.26 22.57
C GLN A 343 9.51 -4.28 21.50
N ARG A 344 8.23 -4.19 21.87
CA ARG A 344 7.16 -4.31 20.89
C ARG A 344 7.22 -3.19 19.86
N ALA A 345 7.51 -1.97 20.30
CA ALA A 345 7.64 -0.87 19.36
C ALA A 345 8.79 -1.09 18.40
N ASN A 346 9.91 -1.61 18.90
CA ASN A 346 11.02 -1.94 18.01
C ASN A 346 10.63 -3.03 17.03
N LEU A 347 9.86 -4.01 17.48
CA LEU A 347 9.38 -5.04 16.57
C LEU A 347 8.52 -4.44 15.48
N PHE A 348 7.62 -3.52 15.84
CA PHE A 348 6.79 -2.86 14.85
C PHE A 348 7.64 -2.06 13.88
N ASN A 349 8.72 -1.46 14.38
CA ASN A 349 9.66 -0.78 13.49
C ASN A 349 10.27 -1.76 12.50
N LYS A 350 10.62 -2.96 12.98
CA LYS A 350 11.12 -4.00 12.09
C LYS A 350 10.09 -4.37 11.04
N LEU A 351 8.83 -4.45 11.45
CA LEU A 351 7.73 -4.66 10.50
C LEU A 351 7.73 -3.57 9.44
N VAL A 352 7.85 -2.31 9.87
CA VAL A 352 7.86 -1.21 8.92
C VAL A 352 9.00 -1.35 7.94
N THR A 353 10.18 -1.69 8.44
CA THR A 353 11.34 -1.86 7.57
C THR A 353 11.09 -2.94 6.54
N GLU A 354 10.64 -4.11 6.98
CA GLU A 354 10.47 -5.23 6.06
C GLU A 354 9.39 -4.92 5.02
N LEU A 355 8.27 -4.31 5.44
CA LEU A 355 7.25 -3.97 4.47
C LEU A 355 7.75 -2.93 3.48
N ARG A 356 8.56 -1.98 3.94
CA ARG A 356 9.16 -1.03 3.02
C ARG A 356 10.05 -1.73 2.00
N GLY A 357 10.81 -2.72 2.46
CA GLY A 357 11.64 -3.52 1.58
C GLY A 357 10.93 -4.71 0.97
N LEU A 358 9.62 -4.83 1.16
CA LEU A 358 8.88 -5.98 0.68
C LEU A 358 8.56 -5.85 -0.80
N SER A 359 8.09 -6.95 -1.37
CA SER A 359 7.66 -7.01 -2.76
C SER A 359 6.17 -7.35 -2.81
N ASP A 360 5.46 -6.73 -3.76
CA ASP A 360 4.01 -6.91 -3.84
C ASP A 360 3.65 -8.37 -4.12
N GLU A 361 4.39 -9.01 -5.02
CA GLU A 361 4.07 -10.39 -5.37
C GLU A 361 4.16 -11.30 -4.16
N ALA A 362 5.26 -11.18 -3.40
CA ALA A 362 5.46 -12.04 -2.24
C ALA A 362 4.38 -11.81 -1.19
N VAL A 363 4.11 -10.54 -0.86
CA VAL A 363 3.15 -10.25 0.19
C VAL A 363 1.76 -10.70 -0.24
N THR A 364 1.39 -10.49 -1.50
CA THR A 364 0.10 -10.99 -1.97
C THR A 364 0.04 -12.50 -1.89
N SER A 365 1.15 -13.18 -2.20
CA SER A 365 1.15 -14.64 -2.13
C SER A 365 0.96 -15.14 -0.70
N LEU A 366 1.61 -14.48 0.27
CA LEU A 366 1.66 -15.01 1.63
C LEU A 366 0.87 -14.18 2.63
N LEU A 367 -0.09 -13.39 2.17
CA LEU A 367 -1.03 -12.71 3.06
C LEU A 367 -1.69 -13.62 4.08
N PRO A 368 -2.25 -14.78 3.72
CA PRO A 368 -2.86 -15.63 4.77
C PRO A 368 -1.88 -16.06 5.83
N GLN A 369 -0.64 -16.34 5.44
CA GLN A 369 0.40 -16.65 6.42
C GLN A 369 0.64 -15.45 7.32
N LEU A 370 0.59 -14.25 6.76
CA LEU A 370 0.71 -13.05 7.56
C LEU A 370 -0.41 -12.94 8.58
N ILE A 371 -1.64 -13.26 8.17
CA ILE A 371 -2.80 -12.94 8.99
C ILE A 371 -3.11 -14.05 9.99
N GLU A 372 -2.62 -15.27 9.75
CA GLU A 372 -3.04 -16.41 10.57
C GLU A 372 -2.62 -16.24 12.03
N VAL A 373 -1.40 -15.75 12.27
CA VAL A 373 -0.89 -15.67 13.63
C VAL A 373 -1.78 -14.76 14.48
N SER A 374 -2.16 -13.62 13.93
CA SER A 374 -3.08 -12.71 14.61
C SER A 374 -3.56 -11.71 13.58
N SER A 375 -4.89 -11.59 13.44
CA SER A 375 -5.44 -10.70 12.41
C SER A 375 -5.22 -9.23 12.74
N PRO A 376 -5.74 -8.69 13.85
CA PRO A 376 -5.77 -7.22 13.99
C PRO A 376 -4.41 -6.58 13.96
N ILE A 377 -3.38 -7.22 14.52
CA ILE A 377 -2.04 -6.66 14.45
C ILE A 377 -1.58 -6.58 13.00
N THR A 378 -1.85 -7.62 12.22
CA THR A 378 -1.50 -7.60 10.81
C THR A 378 -2.26 -6.48 10.10
N LEU A 379 -3.54 -6.31 10.44
CA LEU A 379 -4.35 -5.27 9.80
C LEU A 379 -3.79 -3.89 10.09
N GLN A 380 -3.48 -3.60 11.35
CA GLN A 380 -2.95 -2.28 11.68
C GLN A 380 -1.57 -2.07 11.09
N ALA A 381 -0.76 -3.13 11.00
CA ALA A 381 0.51 -3.03 10.33
C ALA A 381 0.33 -2.65 8.86
N LEU A 382 -0.63 -3.31 8.20
CA LEU A 382 -0.91 -2.97 6.80
C LEU A 382 -1.39 -1.53 6.69
N VAL A 383 -2.19 -1.08 7.64
CA VAL A 383 -2.69 0.29 7.60
C VAL A 383 -1.53 1.27 7.73
N GLN A 384 -0.62 1.02 8.67
CA GLN A 384 0.49 1.91 8.90
C GLN A 384 1.64 1.72 7.93
N CYS A 385 1.55 0.75 7.03
CA CYS A 385 2.65 0.46 6.12
C CYS A 385 2.98 1.66 5.25
N GLY A 386 1.95 2.30 4.70
CA GLY A 386 2.18 3.35 3.73
C GLY A 386 2.58 2.87 2.36
N GLN A 387 2.48 1.57 2.10
CA GLN A 387 2.85 1.01 0.82
C GLN A 387 1.59 0.69 0.02
N PRO A 388 1.61 0.95 -1.30
CA PRO A 388 0.38 0.80 -2.09
C PRO A 388 -0.24 -0.58 -2.03
N GLN A 389 0.59 -1.63 -2.03
CA GLN A 389 0.07 -2.99 -2.06
C GLN A 389 -0.85 -3.26 -0.89
N CYS A 390 -0.60 -2.63 0.26
CA CYS A 390 -1.44 -2.82 1.43
C CYS A 390 -2.91 -2.57 1.10
N SER A 391 -3.18 -1.58 0.25
CA SER A 391 -4.56 -1.25 -0.09
C SER A 391 -5.28 -2.46 -0.67
N THR A 392 -4.59 -3.24 -1.50
CA THR A 392 -5.19 -4.42 -2.09
C THR A 392 -5.44 -5.51 -1.07
N HIS A 393 -4.61 -5.56 -0.03
CA HIS A 393 -4.48 -6.78 0.76
C HIS A 393 -5.72 -7.08 1.60
N ILE A 394 -6.21 -6.08 2.34
CA ILE A 394 -7.15 -6.36 3.42
C ILE A 394 -8.42 -7.02 2.90
N LEU A 395 -8.99 -6.48 1.83
CA LEU A 395 -10.22 -7.05 1.30
C LEU A 395 -9.98 -8.46 0.80
N GLN A 396 -8.79 -8.72 0.23
CA GLN A 396 -8.44 -10.07 -0.15
C GLN A 396 -8.43 -10.97 1.08
N TRP A 397 -7.91 -10.48 2.18
CA TRP A 397 -8.08 -11.17 3.46
C TRP A 397 -9.54 -11.22 3.88
N LEU A 398 -10.27 -10.12 3.67
CA LEU A 398 -11.60 -10.01 4.24
C LEU A 398 -12.53 -11.09 3.70
N LYS A 399 -12.61 -11.20 2.38
CA LYS A 399 -13.37 -12.28 1.78
C LYS A 399 -12.81 -13.65 2.14
N ARG A 400 -11.52 -13.72 2.46
CA ARG A 400 -10.91 -14.95 2.94
C ARG A 400 -11.39 -15.36 4.32
N VAL A 401 -12.03 -14.46 5.07
CA VAL A 401 -12.48 -14.79 6.41
C VAL A 401 -13.96 -14.49 6.56
N HIS A 402 -14.68 -14.41 5.43
CA HIS A 402 -16.12 -14.18 5.38
C HIS A 402 -16.58 -13.13 6.39
N ALA A 403 -15.80 -12.07 6.54
CA ALA A 403 -16.08 -11.03 7.55
C ALA A 403 -17.16 -10.11 6.99
N ASN A 404 -18.39 -10.60 7.00
CA ASN A 404 -19.56 -9.87 6.52
C ASN A 404 -19.33 -9.37 5.10
N PRO A 405 -19.40 -10.24 4.10
CA PRO A 405 -19.06 -9.83 2.73
C PRO A 405 -19.90 -8.68 2.21
N LEU A 406 -21.06 -8.42 2.81
CA LEU A 406 -21.89 -7.30 2.37
C LEU A 406 -21.16 -5.97 2.57
N LEU A 407 -20.68 -5.73 3.79
CA LEU A 407 -19.90 -4.52 4.02
C LEU A 407 -18.56 -4.57 3.33
N ILE A 408 -18.05 -5.76 3.03
CA ILE A 408 -16.83 -5.87 2.22
C ILE A 408 -17.06 -5.28 0.84
N ASP A 409 -18.16 -5.69 0.20
CA ASP A 409 -18.52 -5.10 -1.08
C ASP A 409 -18.78 -3.62 -0.94
N VAL A 410 -19.40 -3.21 0.18
CA VAL A 410 -19.69 -1.79 0.40
C VAL A 410 -18.39 -0.98 0.42
N VAL A 411 -17.42 -1.42 1.21
CA VAL A 411 -16.19 -0.65 1.36
C VAL A 411 -15.37 -0.70 0.08
N THR A 412 -15.39 -1.83 -0.64
CA THR A 412 -14.69 -1.87 -1.92
C THR A 412 -15.32 -0.91 -2.90
N TYR A 413 -16.65 -0.83 -2.91
CA TYR A 413 -17.33 0.15 -3.74
C TYR A 413 -16.93 1.56 -3.37
N LEU A 414 -16.81 1.83 -2.07
CA LEU A 414 -16.41 3.15 -1.62
C LEU A 414 -14.99 3.48 -2.09
N VAL A 415 -14.08 2.52 -1.97
CA VAL A 415 -12.68 2.79 -2.28
C VAL A 415 -12.41 2.80 -3.78
N ALA A 416 -13.25 2.18 -4.58
CA ALA A 416 -12.99 2.13 -6.02
C ALA A 416 -13.12 3.49 -6.69
N LEU A 417 -13.65 4.49 -6.01
CA LEU A 417 -13.87 5.80 -6.59
C LEU A 417 -12.66 6.71 -6.48
N ILE A 418 -11.53 6.20 -5.99
CA ILE A 418 -10.31 7.00 -5.82
C ILE A 418 -9.80 7.43 -7.20
N PRO A 419 -9.23 8.63 -7.32
CA PRO A 419 -8.64 9.06 -8.59
C PRO A 419 -7.19 8.62 -8.79
N GLU A 420 -6.70 7.67 -8.00
CA GLU A 420 -5.32 7.18 -8.10
C GLU A 420 -5.35 5.67 -8.21
N PRO A 421 -5.71 5.15 -9.39
CA PRO A 421 -5.80 3.70 -9.55
C PRO A 421 -4.44 3.04 -9.69
N SER A 422 -4.41 1.75 -9.38
CA SER A 422 -3.24 0.91 -9.60
C SER A 422 -3.66 -0.36 -10.31
N ALA A 423 -2.78 -0.85 -11.18
CA ALA A 423 -3.13 -1.99 -12.02
C ALA A 423 -3.43 -3.23 -11.18
N GLN A 424 -2.61 -3.50 -10.16
CA GLN A 424 -2.83 -4.67 -9.33
C GLN A 424 -4.15 -4.58 -8.57
N GLN A 425 -4.48 -3.39 -8.06
CA GLN A 425 -5.76 -3.24 -7.37
C GLN A 425 -6.91 -3.37 -8.35
N LEU A 426 -6.71 -2.95 -9.61
CA LEU A 426 -7.73 -3.18 -10.63
C LEU A 426 -7.94 -4.68 -10.85
N ARG A 427 -6.85 -5.44 -10.95
CA ARG A 427 -6.97 -6.88 -11.15
C ARG A 427 -7.72 -7.52 -9.98
N GLU A 428 -7.36 -7.16 -8.76
CA GLU A 428 -7.98 -7.82 -7.62
C GLU A 428 -9.42 -7.37 -7.40
N ILE A 429 -9.76 -6.12 -7.70
CA ILE A 429 -11.17 -5.73 -7.61
C ILE A 429 -11.98 -6.42 -8.69
N PHE A 430 -11.39 -6.59 -9.88
CA PHE A 430 -12.06 -7.39 -10.91
C PHE A 430 -12.30 -8.80 -10.42
N ASN A 431 -11.30 -9.41 -9.79
CA ASN A 431 -11.44 -10.78 -9.32
C ASN A 431 -12.53 -10.91 -8.26
N MET A 432 -12.52 -10.00 -7.28
CA MET A 432 -13.54 -10.07 -6.23
C MET A 432 -14.93 -9.79 -6.76
N ALA A 433 -15.04 -8.84 -7.71
CA ALA A 433 -16.34 -8.59 -8.34
C ALA A 433 -16.83 -9.82 -9.07
N ARG A 434 -15.93 -10.51 -9.78
CA ARG A 434 -16.31 -11.77 -10.40
C ARG A 434 -16.73 -12.79 -9.35
N ASP A 435 -16.09 -12.74 -8.18
CA ASP A 435 -16.44 -13.67 -7.11
C ASP A 435 -17.87 -13.47 -6.64
N GLN A 436 -18.18 -12.29 -6.09
CA GLN A 436 -19.48 -12.07 -5.48
C GLN A 436 -20.50 -11.41 -6.39
N ARG A 437 -20.05 -10.55 -7.31
CA ARG A 437 -20.94 -9.93 -8.30
C ARG A 437 -22.10 -9.17 -7.65
N SER A 438 -21.87 -8.60 -6.48
CA SER A 438 -22.92 -7.78 -5.88
C SER A 438 -23.03 -6.45 -6.63
N ARG A 439 -24.13 -5.75 -6.37
CA ARG A 439 -24.34 -4.45 -7.01
C ARG A 439 -23.19 -3.50 -6.71
N ALA A 440 -22.76 -3.48 -5.44
CA ALA A 440 -21.64 -2.61 -5.06
C ALA A 440 -20.37 -2.99 -5.81
N THR A 441 -20.09 -4.29 -5.93
CA THR A 441 -18.87 -4.72 -6.61
C THR A 441 -18.88 -4.30 -8.07
N LEU A 442 -19.99 -4.56 -8.77
CA LEU A 442 -20.04 -4.25 -10.19
C LEU A 442 -20.00 -2.75 -10.43
N TYR A 443 -20.72 -1.97 -9.62
CA TYR A 443 -20.67 -0.52 -9.75
C TYR A 443 -19.27 0.00 -9.44
N ALA A 444 -18.61 -0.59 -8.44
CA ALA A 444 -17.24 -0.21 -8.10
C ALA A 444 -16.32 -0.42 -9.28
N LEU A 445 -16.39 -1.59 -9.89
CA LEU A 445 -15.53 -1.88 -11.03
C LEU A 445 -15.85 -0.95 -12.19
N SER A 446 -17.14 -0.67 -12.41
CA SER A 446 -17.53 0.21 -13.50
C SER A 446 -16.94 1.60 -13.33
N HIS A 447 -17.01 2.14 -12.12
CA HIS A 447 -16.42 3.46 -11.92
C HIS A 447 -14.90 3.40 -11.92
N ALA A 448 -14.32 2.31 -11.42
CA ALA A 448 -12.87 2.22 -11.32
C ALA A 448 -12.21 2.17 -12.69
N VAL A 449 -12.81 1.44 -13.64
CA VAL A 449 -12.21 1.36 -14.97
C VAL A 449 -12.26 2.72 -15.66
N ASN A 450 -13.38 3.43 -15.51
CA ASN A 450 -13.47 4.77 -16.08
C ASN A 450 -12.44 5.70 -15.45
N ASN A 451 -12.28 5.62 -14.13
CA ASN A 451 -11.28 6.44 -13.45
C ASN A 451 -9.88 6.11 -13.96
N TYR A 452 -9.58 4.83 -14.13
CA TYR A 452 -8.26 4.44 -14.60
C TYR A 452 -8.02 4.95 -16.02
N HIS A 453 -9.01 4.83 -16.89
CA HIS A 453 -8.84 5.34 -18.25
C HIS A 453 -8.65 6.85 -18.25
N LYS A 454 -9.42 7.56 -17.44
CA LYS A 454 -9.27 9.02 -17.37
C LYS A 454 -7.88 9.39 -16.87
N THR A 455 -7.42 8.72 -15.82
CA THR A 455 -6.09 8.99 -15.29
C THR A 455 -5.01 8.44 -16.23
N ASN A 456 -5.20 7.22 -16.71
CA ASN A 456 -4.25 6.56 -17.61
C ASN A 456 -4.98 6.16 -18.89
N PRO A 457 -4.98 7.04 -19.89
CA PRO A 457 -5.58 6.67 -21.19
C PRO A 457 -4.85 5.53 -21.88
N THR A 458 -3.60 5.25 -21.49
CA THR A 458 -2.85 4.17 -22.13
C THR A 458 -3.50 2.82 -21.84
N GLY A 459 -3.68 2.02 -22.89
CA GLY A 459 -4.33 0.73 -22.73
C GLY A 459 -3.40 -0.32 -22.12
N THR A 460 -4.00 -1.26 -21.41
CA THR A 460 -3.29 -2.34 -20.76
C THR A 460 -4.05 -3.64 -20.96
N GLN A 461 -3.34 -4.75 -20.75
CA GLN A 461 -3.93 -6.06 -21.01
C GLN A 461 -5.08 -6.38 -20.07
N GLU A 462 -5.06 -5.85 -18.84
CA GLU A 462 -6.13 -6.16 -17.90
C GLU A 462 -7.46 -5.62 -18.38
N LEU A 463 -7.45 -4.52 -19.14
CA LEU A 463 -8.68 -4.03 -19.75
C LEU A 463 -9.24 -5.04 -20.73
N LEU A 464 -8.37 -5.66 -21.53
CA LEU A 464 -8.81 -6.71 -22.44
C LEU A 464 -9.33 -7.91 -21.66
N ASP A 465 -8.68 -8.25 -20.56
CA ASP A 465 -9.15 -9.34 -19.71
C ASP A 465 -10.56 -9.06 -19.20
N ILE A 466 -10.79 -7.83 -18.74
CA ILE A 466 -12.11 -7.45 -18.27
C ILE A 466 -13.12 -7.53 -19.40
N ALA A 467 -12.74 -7.05 -20.59
CA ALA A 467 -13.67 -7.05 -21.72
C ALA A 467 -14.08 -8.46 -22.11
N ASN A 468 -13.11 -9.37 -22.23
CA ASN A 468 -13.46 -10.73 -22.60
C ASN A 468 -14.19 -11.43 -21.47
N TYR A 469 -13.89 -11.09 -20.22
CA TYR A 469 -14.69 -11.59 -19.10
C TYR A 469 -16.14 -11.17 -19.25
N LEU A 470 -16.37 -9.90 -19.61
CA LEU A 470 -17.73 -9.40 -19.74
C LEU A 470 -18.46 -10.07 -20.90
N MET A 471 -17.78 -10.23 -22.03
CA MET A 471 -18.43 -10.88 -23.17
C MET A 471 -18.70 -12.35 -22.88
N GLU A 472 -17.89 -12.96 -22.01
CA GLU A 472 -18.22 -14.28 -21.49
C GLU A 472 -19.45 -14.22 -20.59
N GLN A 473 -19.55 -13.16 -19.78
CA GLN A 473 -20.70 -13.00 -18.90
C GLN A 473 -22.00 -12.94 -19.70
N ILE A 474 -22.01 -12.18 -20.80
CA ILE A 474 -23.18 -12.14 -21.67
C ILE A 474 -23.24 -13.34 -22.59
N GLN A 475 -22.21 -14.17 -22.61
CA GLN A 475 -22.13 -15.36 -23.47
C GLN A 475 -22.29 -14.88 -24.91
N ASP A 476 -23.28 -15.37 -25.66
CA ASP A 476 -23.47 -14.93 -27.04
C ASP A 476 -24.34 -13.68 -27.12
N ASP A 477 -25.58 -13.79 -26.67
CA ASP A 477 -26.56 -12.71 -26.78
C ASP A 477 -27.29 -12.50 -25.47
N CYS A 478 -26.53 -12.44 -24.37
CA CYS A 478 -27.03 -12.01 -23.06
C CYS A 478 -28.14 -12.92 -22.55
N THR A 479 -27.91 -14.23 -22.60
CA THR A 479 -28.86 -15.21 -22.12
C THR A 479 -28.61 -15.64 -20.68
N GLY A 480 -27.63 -15.02 -20.01
CA GLY A 480 -27.27 -15.42 -18.66
C GLY A 480 -28.23 -14.94 -17.59
N ASP A 481 -27.70 -14.70 -16.39
CA ASP A 481 -28.51 -14.26 -15.27
C ASP A 481 -29.15 -12.92 -15.56
N GLU A 482 -30.48 -12.87 -15.50
CA GLU A 482 -31.22 -11.71 -16.00
C GLU A 482 -30.81 -10.43 -15.29
N ASP A 483 -30.88 -10.42 -13.97
CA ASP A 483 -30.49 -9.22 -13.22
C ASP A 483 -29.00 -8.98 -13.34
N TYR A 484 -28.19 -10.04 -13.32
CA TYR A 484 -26.76 -9.87 -13.50
C TYR A 484 -26.42 -9.33 -14.88
N THR A 485 -27.11 -9.84 -15.91
CA THR A 485 -26.90 -9.31 -17.26
C THR A 485 -27.31 -7.85 -17.32
N TYR A 486 -28.42 -7.48 -16.68
CA TYR A 486 -28.84 -6.09 -16.64
C TYR A 486 -27.78 -5.23 -15.97
N LEU A 487 -27.22 -5.69 -14.85
CA LEU A 487 -26.25 -4.90 -14.12
C LEU A 487 -24.95 -4.75 -14.91
N ILE A 488 -24.51 -5.82 -15.59
CA ILE A 488 -23.28 -5.72 -16.36
C ILE A 488 -23.50 -4.86 -17.60
N LEU A 489 -24.72 -4.86 -18.15
CA LEU A 489 -25.01 -3.92 -19.24
C LEU A 489 -24.96 -2.48 -18.74
N ARG A 490 -25.54 -2.23 -17.56
CA ARG A 490 -25.44 -0.90 -16.96
C ARG A 490 -23.98 -0.52 -16.76
N VAL A 491 -23.15 -1.48 -16.38
CA VAL A 491 -21.72 -1.23 -16.25
C VAL A 491 -21.14 -0.81 -17.59
N ILE A 492 -21.21 -1.70 -18.59
CA ILE A 492 -20.53 -1.49 -19.86
C ILE A 492 -20.99 -0.21 -20.52
N GLY A 493 -22.24 0.20 -20.27
CA GLY A 493 -22.76 1.42 -20.84
C GLY A 493 -22.08 2.67 -20.28
N ASN A 494 -20.97 2.49 -19.59
CA ASN A 494 -20.16 3.59 -19.08
C ASN A 494 -18.76 3.62 -19.66
N MET A 495 -18.05 2.49 -19.69
CA MET A 495 -16.68 2.47 -20.17
C MET A 495 -16.55 1.77 -21.52
N GLY A 496 -17.65 1.53 -22.22
CA GLY A 496 -17.52 1.04 -23.58
C GLY A 496 -16.83 2.04 -24.49
N GLN A 497 -16.91 3.32 -24.16
CA GLN A 497 -16.12 4.32 -24.88
C GLN A 497 -14.64 4.14 -24.60
N THR A 498 -14.28 3.86 -23.36
CA THR A 498 -12.88 3.58 -23.02
C THR A 498 -12.39 2.34 -23.75
N MET A 499 -13.23 1.31 -23.81
CA MET A 499 -12.88 0.05 -24.43
C MET A 499 -13.17 0.03 -25.93
N GLU A 500 -13.62 1.16 -26.49
CA GLU A 500 -13.95 1.22 -27.91
C GLU A 500 -12.73 0.91 -28.75
N GLN A 501 -11.58 1.45 -28.38
CA GLN A 501 -10.33 1.14 -29.05
C GLN A 501 -9.85 -0.28 -28.77
N LEU A 502 -10.45 -0.99 -27.82
CA LEU A 502 -9.95 -2.29 -27.42
C LEU A 502 -10.54 -3.42 -28.26
N THR A 503 -11.87 -3.59 -28.21
CA THR A 503 -12.50 -4.70 -28.91
C THR A 503 -13.64 -4.18 -29.76
N PRO A 504 -13.65 -4.48 -31.07
CA PRO A 504 -14.83 -4.18 -31.89
C PRO A 504 -16.00 -5.09 -31.60
N GLU A 505 -15.76 -6.23 -30.92
CA GLU A 505 -16.83 -7.16 -30.61
C GLU A 505 -17.86 -6.56 -29.66
N LEU A 506 -17.48 -5.51 -28.93
CA LEU A 506 -18.37 -4.85 -27.98
C LEU A 506 -19.76 -4.66 -28.58
N LYS A 507 -19.85 -3.91 -29.67
CA LYS A 507 -21.12 -3.73 -30.34
C LYS A 507 -21.65 -5.06 -30.87
N SER A 508 -20.78 -5.83 -31.53
CA SER A 508 -21.23 -7.02 -32.24
C SER A 508 -21.95 -7.98 -31.30
N SER A 509 -21.41 -8.16 -30.10
CA SER A 509 -22.09 -9.00 -29.12
C SER A 509 -23.41 -8.39 -28.68
N ILE A 510 -23.40 -7.10 -28.31
CA ILE A 510 -24.56 -6.54 -27.64
C ILE A 510 -25.73 -6.39 -28.59
N LEU A 511 -25.47 -6.12 -29.88
CA LEU A 511 -26.55 -6.10 -30.85
C LEU A 511 -27.21 -7.47 -30.96
N LYS A 512 -26.44 -8.54 -30.78
CA LYS A 512 -27.03 -9.87 -30.65
C LYS A 512 -28.02 -9.89 -29.50
N CYS A 513 -27.63 -9.30 -28.38
CA CYS A 513 -28.57 -9.11 -27.28
C CYS A 513 -29.73 -8.22 -27.71
N VAL A 514 -29.45 -7.17 -28.48
CA VAL A 514 -30.50 -6.26 -28.92
C VAL A 514 -31.48 -6.99 -29.82
N GLN A 515 -30.96 -7.68 -30.85
CA GLN A 515 -31.85 -8.31 -31.81
C GLN A 515 -32.57 -9.50 -31.22
N SER A 516 -31.85 -10.37 -30.51
CA SER A 516 -32.46 -11.57 -29.99
C SER A 516 -33.45 -11.22 -28.89
N THR A 517 -34.66 -11.77 -29.01
CA THR A 517 -35.70 -11.59 -28.00
C THR A 517 -35.76 -12.72 -27.00
N LYS A 518 -34.82 -13.67 -27.07
CA LYS A 518 -34.78 -14.75 -26.08
C LYS A 518 -34.66 -14.22 -24.65
N PRO A 519 -33.82 -13.22 -24.34
CA PRO A 519 -33.87 -12.62 -23.01
C PRO A 519 -35.18 -11.86 -22.83
N SER A 520 -35.52 -11.61 -21.57
CA SER A 520 -36.81 -10.99 -21.28
C SER A 520 -36.85 -9.56 -21.81
N LEU A 521 -38.07 -9.02 -21.86
CA LEU A 521 -38.28 -7.71 -22.47
C LEU A 521 -37.46 -6.63 -21.77
N MET A 522 -37.31 -6.74 -20.45
CA MET A 522 -36.55 -5.73 -19.72
C MET A 522 -35.07 -5.79 -20.11
N ILE A 523 -34.48 -6.99 -20.11
CA ILE A 523 -33.11 -7.14 -20.58
C ILE A 523 -33.04 -6.83 -22.07
N GLN A 524 -34.09 -7.16 -22.82
CA GLN A 524 -34.12 -6.79 -24.24
C GLN A 524 -33.91 -5.29 -24.40
N LYS A 525 -34.67 -4.49 -23.66
CA LYS A 525 -34.50 -3.04 -23.71
C LYS A 525 -33.12 -2.64 -23.21
N ALA A 526 -32.68 -3.24 -22.09
CA ALA A 526 -31.39 -2.89 -21.52
C ALA A 526 -30.26 -3.07 -22.52
N ALA A 527 -30.43 -4.02 -23.44
CA ALA A 527 -29.45 -4.20 -24.50
C ALA A 527 -29.28 -2.94 -25.32
N ILE A 528 -30.35 -2.16 -25.49
CA ILE A 528 -30.25 -0.93 -26.27
C ILE A 528 -29.44 0.12 -25.52
N GLN A 529 -29.84 0.44 -24.30
CA GLN A 529 -29.12 1.49 -23.58
C GLN A 529 -27.75 1.01 -23.10
N ALA A 530 -27.42 -0.27 -23.26
CA ALA A 530 -26.03 -0.67 -23.19
C ALA A 530 -25.21 0.07 -24.24
N LEU A 531 -25.83 0.44 -25.36
CA LEU A 531 -25.21 1.24 -26.39
C LEU A 531 -25.45 2.74 -26.21
N ARG A 532 -26.19 3.13 -25.17
CA ARG A 532 -26.62 4.52 -25.04
C ARG A 532 -25.43 5.47 -25.00
N LYS A 533 -24.39 5.12 -24.26
CA LYS A 533 -23.18 5.92 -24.22
C LYS A 533 -22.22 5.57 -25.34
N MET A 534 -22.62 4.71 -26.27
CA MET A 534 -21.73 4.23 -27.30
C MET A 534 -21.96 5.00 -28.60
N GLU A 535 -20.88 5.33 -29.28
CA GLU A 535 -20.98 6.00 -30.57
C GLU A 535 -21.48 4.99 -31.60
N PRO A 536 -22.61 5.25 -32.27
CA PRO A 536 -23.17 4.24 -33.17
C PRO A 536 -22.38 4.17 -34.47
N LYS A 537 -21.88 2.98 -34.78
CA LYS A 537 -21.21 2.74 -36.05
C LYS A 537 -22.25 2.57 -37.15
N ASP A 538 -21.78 2.59 -38.40
CA ASP A 538 -22.69 2.46 -39.53
C ASP A 538 -23.44 1.14 -39.49
N LYS A 539 -22.74 0.04 -39.19
CA LYS A 539 -23.41 -1.24 -38.99
C LYS A 539 -24.36 -1.17 -37.82
N ASP A 540 -23.95 -0.52 -36.73
CA ASP A 540 -24.82 -0.36 -35.58
C ASP A 540 -26.07 0.42 -35.95
N GLN A 541 -25.90 1.51 -36.69
CA GLN A 541 -27.05 2.32 -37.09
C GLN A 541 -27.98 1.55 -38.02
N GLU A 542 -27.41 0.78 -38.95
CA GLU A 542 -28.25 0.01 -39.86
C GLU A 542 -29.04 -1.07 -39.12
N VAL A 543 -28.38 -1.79 -38.21
CA VAL A 543 -29.08 -2.80 -37.42
C VAL A 543 -30.14 -2.13 -36.57
N LEU A 544 -29.83 -0.97 -36.01
CA LEU A 544 -30.79 -0.22 -35.22
C LEU A 544 -32.00 0.15 -36.06
N LEU A 545 -31.79 0.59 -37.29
CA LEU A 545 -32.92 0.97 -38.15
C LEU A 545 -33.74 -0.24 -38.52
N GLN A 546 -33.08 -1.36 -38.84
CA GLN A 546 -33.81 -2.57 -39.21
C GLN A 546 -34.67 -3.06 -38.06
N THR A 547 -34.12 -3.09 -36.85
CA THR A 547 -34.92 -3.43 -35.68
C THR A 547 -35.95 -2.34 -35.39
N PHE A 548 -35.65 -1.11 -35.80
CA PHE A 548 -36.48 0.04 -35.47
C PHE A 548 -37.80 0.00 -36.23
N LEU A 549 -37.75 -0.26 -37.54
CA LEU A 549 -38.93 -0.25 -38.37
C LEU A 549 -39.91 -1.37 -38.04
N ASP A 550 -39.49 -2.35 -37.22
CA ASP A 550 -40.36 -3.45 -36.85
C ASP A 550 -41.56 -2.92 -36.08
N ASP A 551 -42.75 -3.19 -36.60
CA ASP A 551 -43.97 -2.80 -35.89
C ASP A 551 -44.23 -3.71 -34.70
N ALA A 552 -43.90 -4.99 -34.83
CA ALA A 552 -44.03 -5.91 -33.69
C ALA A 552 -43.08 -5.54 -32.56
N SER A 553 -42.07 -4.72 -32.84
CA SER A 553 -41.21 -4.24 -31.77
C SER A 553 -42.03 -3.40 -30.79
N PRO A 554 -41.84 -3.59 -29.50
CA PRO A 554 -42.59 -2.78 -28.52
C PRO A 554 -42.26 -1.30 -28.68
N GLY A 555 -43.27 -0.47 -28.38
CA GLY A 555 -43.13 0.95 -28.60
C GLY A 555 -41.96 1.56 -27.85
N ASP A 556 -41.76 1.13 -26.60
CA ASP A 556 -40.60 1.62 -25.85
C ASP A 556 -39.30 1.22 -26.52
N LYS A 557 -39.22 -0.02 -27.01
CA LYS A 557 -38.02 -0.47 -27.69
C LYS A 557 -37.75 0.36 -28.94
N ARG A 558 -38.80 0.59 -29.74
CA ARG A 558 -38.64 1.35 -30.97
C ARG A 558 -38.22 2.78 -30.67
N LEU A 559 -38.81 3.38 -29.62
CA LEU A 559 -38.45 4.74 -29.25
C LEU A 559 -37.01 4.81 -28.75
N ALA A 560 -36.58 3.84 -27.95
CA ALA A 560 -35.20 3.83 -27.48
C ALA A 560 -34.23 3.69 -28.64
N ALA A 561 -34.56 2.82 -29.60
CA ALA A 561 -33.73 2.72 -30.80
C ALA A 561 -33.70 4.04 -31.54
N TYR A 562 -34.84 4.71 -31.64
CA TYR A 562 -34.90 5.99 -32.32
C TYR A 562 -33.99 7.01 -31.65
N LEU A 563 -34.02 7.06 -30.32
CA LEU A 563 -33.16 7.99 -29.60
C LEU A 563 -31.69 7.66 -29.81
N MET A 564 -31.35 6.36 -29.76
CA MET A 564 -29.97 5.95 -29.92
C MET A 564 -29.48 6.34 -31.31
N LEU A 565 -30.31 6.15 -32.33
CA LEU A 565 -29.93 6.54 -33.68
C LEU A 565 -29.81 8.05 -33.81
N MET A 566 -30.82 8.79 -33.36
CA MET A 566 -30.82 10.24 -33.49
C MET A 566 -29.72 10.91 -32.68
N ARG A 567 -29.08 10.16 -31.77
CA ARG A 567 -27.79 10.59 -31.26
C ARG A 567 -26.86 10.97 -32.40
N SER A 568 -26.81 10.14 -33.44
CA SER A 568 -26.03 10.42 -34.65
C SER A 568 -26.99 10.32 -35.81
N PRO A 569 -27.83 11.35 -36.01
CA PRO A 569 -28.90 11.24 -37.00
C PRO A 569 -28.37 11.17 -38.42
N SER A 570 -29.11 10.45 -39.26
CA SER A 570 -28.81 10.32 -40.68
C SER A 570 -29.97 10.88 -41.49
N GLN A 571 -29.64 11.62 -42.55
CA GLN A 571 -30.68 12.29 -43.34
C GLN A 571 -31.62 11.27 -43.97
N ALA A 572 -31.08 10.16 -44.47
CA ALA A 572 -31.93 9.17 -45.12
C ALA A 572 -32.87 8.50 -44.12
N ASP A 573 -32.35 8.15 -42.95
CA ASP A 573 -33.19 7.54 -41.92
C ASP A 573 -34.27 8.49 -41.46
N ILE A 574 -33.93 9.77 -41.27
CA ILE A 574 -34.93 10.75 -40.88
C ILE A 574 -35.98 10.89 -41.97
N ASN A 575 -35.56 10.91 -43.23
CA ASN A 575 -36.50 11.03 -44.34
C ASN A 575 -37.47 9.85 -44.36
N LYS A 576 -36.93 8.63 -44.23
CA LYS A 576 -37.79 7.46 -44.27
C LYS A 576 -38.72 7.42 -43.06
N ILE A 577 -38.24 7.84 -41.90
CA ILE A 577 -39.09 7.88 -40.71
C ILE A 577 -40.22 8.89 -40.91
N VAL A 578 -39.88 10.06 -41.46
CA VAL A 578 -40.88 11.09 -41.70
C VAL A 578 -41.93 10.60 -42.69
N GLN A 579 -41.48 9.95 -43.77
CA GLN A 579 -42.43 9.46 -44.77
C GLN A 579 -43.24 8.27 -44.25
N ILE A 580 -42.74 7.55 -43.26
CA ILE A 580 -43.47 6.39 -42.74
C ILE A 580 -44.47 6.81 -41.68
N LEU A 581 -44.15 7.85 -40.92
CA LEU A 581 -44.96 8.24 -39.77
C LEU A 581 -46.43 8.47 -40.08
N PRO A 582 -46.84 9.08 -41.20
CA PRO A 582 -48.28 9.24 -41.46
C PRO A 582 -49.02 7.92 -41.46
N TRP A 583 -48.41 6.84 -41.93
CA TRP A 583 -49.01 5.52 -41.89
C TRP A 583 -48.60 4.74 -40.65
N GLU A 584 -47.86 5.35 -39.74
CA GLU A 584 -47.52 4.69 -38.48
C GLU A 584 -48.78 4.40 -37.68
N GLN A 585 -48.78 3.26 -37.00
CA GLN A 585 -49.95 2.79 -36.26
C GLN A 585 -49.86 3.06 -34.76
N ASN A 586 -48.68 2.89 -34.16
CA ASN A 586 -48.51 3.07 -32.72
C ASN A 586 -48.62 4.55 -32.38
N GLU A 587 -49.74 4.94 -31.77
CA GLU A 587 -50.01 6.35 -31.54
C GLU A 587 -49.00 6.97 -30.59
N GLN A 588 -48.63 6.27 -29.52
CA GLN A 588 -47.82 6.92 -28.50
C GLN A 588 -46.40 7.17 -28.97
N VAL A 589 -45.81 6.25 -29.76
CA VAL A 589 -44.51 6.55 -30.33
C VAL A 589 -44.62 7.68 -31.35
N LYS A 590 -45.76 7.79 -32.03
CA LYS A 590 -45.96 8.91 -32.94
C LYS A 590 -45.96 10.23 -32.17
N ASN A 591 -46.65 10.26 -31.03
CA ASN A 591 -46.64 11.46 -30.20
C ASN A 591 -45.23 11.75 -29.69
N PHE A 592 -44.51 10.70 -29.30
CA PHE A 592 -43.15 10.90 -28.80
C PHE A 592 -42.24 11.48 -29.87
N VAL A 593 -42.32 10.96 -31.10
CA VAL A 593 -41.45 11.46 -32.16
C VAL A 593 -41.87 12.86 -32.59
N ALA A 594 -43.17 13.15 -32.58
CA ALA A 594 -43.60 14.51 -32.87
C ALA A 594 -43.08 15.48 -31.81
N SER A 595 -43.12 15.07 -30.54
CA SER A 595 -42.58 15.89 -29.47
C SER A 595 -41.08 16.10 -29.65
N HIS A 596 -40.36 15.05 -30.04
CA HIS A 596 -38.93 15.18 -30.26
C HIS A 596 -38.64 16.14 -31.41
N ILE A 597 -39.43 16.06 -32.48
CA ILE A 597 -39.27 16.97 -33.61
C ILE A 597 -39.52 18.41 -33.17
N ALA A 598 -40.55 18.61 -32.35
CA ALA A 598 -40.80 19.94 -31.82
C ALA A 598 -39.64 20.41 -30.96
N ASN A 599 -39.08 19.52 -30.14
CA ASN A 599 -37.98 19.88 -29.27
C ASN A 599 -36.77 20.33 -30.09
N ILE A 600 -36.44 19.59 -31.14
CA ILE A 600 -35.27 19.97 -31.94
C ILE A 600 -35.54 21.24 -32.73
N LEU A 601 -36.72 21.35 -33.34
CA LEU A 601 -37.02 22.54 -34.14
C LEU A 601 -37.08 23.79 -33.29
N ASN A 602 -37.46 23.66 -32.02
CA ASN A 602 -37.52 24.79 -31.10
C ASN A 602 -36.33 24.85 -30.15
N SER A 603 -35.30 24.05 -30.41
CA SER A 603 -34.09 24.07 -29.58
C SER A 603 -33.37 25.39 -29.79
N GLU A 604 -33.44 26.26 -28.78
CA GLU A 604 -32.79 27.57 -28.89
C GLU A 604 -31.28 27.47 -28.91
N GLU A 605 -30.73 26.34 -28.48
CA GLU A 605 -29.28 26.16 -28.49
C GLU A 605 -28.75 26.21 -29.91
N LEU A 606 -27.68 26.98 -30.11
CA LEU A 606 -27.08 27.08 -31.44
C LEU A 606 -26.45 25.76 -31.86
N ASP A 607 -26.07 24.91 -30.90
CA ASP A 607 -25.53 23.61 -31.25
C ASP A 607 -26.56 22.76 -32.00
N ILE A 608 -27.82 22.81 -31.56
CA ILE A 608 -28.88 22.08 -32.25
C ILE A 608 -29.55 22.92 -33.34
N GLN A 609 -29.10 24.16 -33.55
CA GLN A 609 -29.72 25.01 -34.57
C GLN A 609 -29.53 24.43 -35.96
N ASP A 610 -28.32 23.93 -36.26
CA ASP A 610 -28.08 23.34 -37.58
C ASP A 610 -28.92 22.09 -37.79
N LEU A 611 -29.04 21.25 -36.76
CA LEU A 611 -29.87 20.07 -36.86
C LEU A 611 -31.33 20.45 -37.07
N LYS A 612 -31.80 21.48 -36.36
CA LYS A 612 -33.17 21.95 -36.54
C LYS A 612 -33.39 22.46 -37.97
N LYS A 613 -32.41 23.18 -38.52
CA LYS A 613 -32.51 23.64 -39.90
C LYS A 613 -32.58 22.47 -40.87
N LEU A 614 -31.75 21.45 -40.65
CA LEU A 614 -31.78 20.28 -41.51
C LEU A 614 -33.13 19.56 -41.44
N VAL A 615 -33.66 19.41 -40.23
CA VAL A 615 -34.94 18.73 -40.08
C VAL A 615 -36.06 19.56 -40.69
N LYS A 616 -35.98 20.88 -40.58
CA LYS A 616 -36.97 21.74 -41.24
C LYS A 616 -36.89 21.61 -42.76
N GLU A 617 -35.67 21.55 -43.29
CA GLU A 617 -35.49 21.34 -44.72
C GLU A 617 -36.10 20.00 -45.15
N ALA A 618 -35.88 18.96 -44.36
CA ALA A 618 -36.46 17.65 -44.68
C ALA A 618 -37.98 17.68 -44.60
N LEU A 619 -38.53 18.36 -43.60
CA LEU A 619 -39.96 18.42 -43.36
C LEU A 619 -40.67 19.50 -44.18
N LYS A 620 -39.94 20.22 -45.03
CA LYS A 620 -40.56 21.26 -45.84
C LYS A 620 -41.70 20.72 -46.69
N GLU A 621 -41.58 19.48 -47.17
CA GLU A 621 -42.66 18.88 -47.94
C GLU A 621 -43.92 18.73 -47.10
N SER A 622 -43.78 18.28 -45.86
CA SER A 622 -44.91 18.11 -44.97
C SER A 622 -44.40 18.15 -43.53
N GLN A 623 -45.04 18.97 -42.70
CA GLN A 623 -44.63 19.11 -41.32
C GLN A 623 -45.15 17.96 -40.47
N LEU A 624 -44.71 17.92 -39.22
CA LEU A 624 -45.11 16.86 -38.31
C LEU A 624 -46.60 16.99 -37.96
N PRO A 625 -47.26 15.88 -37.64
CA PRO A 625 -48.69 15.95 -37.27
C PRO A 625 -48.89 16.62 -35.92
N THR A 626 -50.14 16.67 -35.46
CA THR A 626 -50.46 17.33 -34.20
C THR A 626 -49.87 16.56 -33.03
N VAL A 627 -49.61 17.29 -31.95
CA VAL A 627 -49.11 16.71 -30.71
C VAL A 627 -50.29 16.33 -29.84
N MET A 628 -50.16 15.21 -29.13
CA MET A 628 -51.23 14.73 -28.27
C MET A 628 -51.05 15.25 -26.85
N ASP A 629 -51.97 14.87 -25.96
CA ASP A 629 -51.96 15.36 -24.59
C ASP A 629 -50.76 14.80 -23.85
N PHE A 630 -49.75 15.64 -23.62
CA PHE A 630 -48.57 15.19 -22.91
C PHE A 630 -48.89 14.72 -21.50
N ARG A 631 -50.06 15.10 -20.97
CA ARG A 631 -50.49 14.58 -19.68
C ARG A 631 -50.75 13.09 -19.74
N LYS A 632 -51.22 12.58 -20.89
CA LYS A 632 -51.58 11.17 -20.98
C LYS A 632 -51.11 10.55 -22.29
N PHE A 633 -50.07 11.10 -22.91
CA PHE A 633 -49.53 10.53 -24.14
C PHE A 633 -48.02 10.52 -24.08
N SER A 634 -47.42 9.52 -24.71
CA SER A 634 -45.97 9.37 -24.71
C SER A 634 -45.34 10.43 -25.60
N ARG A 635 -44.58 11.34 -25.00
CA ARG A 635 -43.99 12.45 -25.74
C ARG A 635 -42.65 12.82 -25.10
N ASN A 636 -41.69 13.19 -25.94
CA ASN A 636 -40.36 13.56 -25.47
C ASN A 636 -40.38 15.01 -25.03
N TYR A 637 -40.16 15.25 -23.74
CA TYR A 637 -40.10 16.60 -23.19
C TYR A 637 -38.65 17.05 -23.04
N GLN A 638 -37.96 17.16 -24.18
CA GLN A 638 -36.56 17.55 -24.21
C GLN A 638 -36.46 19.07 -23.95
N LEU A 639 -36.66 19.41 -22.69
CA LEU A 639 -36.63 20.81 -22.25
C LEU A 639 -35.23 21.39 -22.35
N ALA A 653 -28.21 21.80 -21.38
CA ALA A 653 -29.44 22.18 -20.70
C ALA A 653 -30.63 21.38 -21.24
N LYS A 654 -30.33 20.37 -22.06
CA LYS A 654 -31.37 19.54 -22.66
C LYS A 654 -31.89 18.56 -21.62
N ILE A 655 -32.96 18.95 -20.93
CA ILE A 655 -33.61 18.11 -19.94
C ILE A 655 -34.77 17.41 -20.60
N GLU A 656 -34.72 16.08 -20.67
CA GLU A 656 -35.67 15.31 -21.45
C GLU A 656 -36.58 14.50 -20.56
N GLY A 657 -37.89 14.65 -20.77
CA GLY A 657 -38.90 13.84 -20.10
C GLY A 657 -39.53 12.88 -21.09
N ASN A 658 -39.56 11.60 -20.71
CA ASN A 658 -40.02 10.53 -21.58
C ASN A 658 -40.98 9.64 -20.79
N LEU A 659 -42.28 9.85 -20.97
CA LEU A 659 -43.32 9.12 -20.24
C LEU A 659 -44.03 8.23 -21.25
N ILE A 660 -43.51 7.03 -21.44
CA ILE A 660 -43.93 6.13 -22.50
C ILE A 660 -44.68 4.96 -21.89
N PHE A 661 -45.75 4.53 -22.57
CA PHE A 661 -46.56 3.42 -22.10
C PHE A 661 -46.97 2.55 -23.28
N ASP A 662 -47.54 1.40 -22.95
CA ASP A 662 -48.19 0.58 -23.95
C ASP A 662 -49.34 1.37 -24.56
N PRO A 663 -49.47 1.38 -25.89
CA PRO A 663 -50.61 2.09 -26.50
C PRO A 663 -51.96 1.59 -26.00
N ASN A 664 -52.02 0.35 -25.50
CA ASN A 664 -53.26 -0.15 -24.92
C ASN A 664 -53.65 0.66 -23.69
N ASN A 665 -52.72 0.84 -22.76
CA ASN A 665 -53.00 1.58 -21.54
C ASN A 665 -52.53 3.03 -21.71
N TYR A 666 -52.54 3.78 -20.61
CA TYR A 666 -52.07 5.15 -20.61
C TYR A 666 -51.07 5.44 -19.50
N LEU A 667 -50.94 4.59 -18.50
CA LEU A 667 -49.96 4.79 -17.45
C LEU A 667 -48.56 4.56 -18.02
N PRO A 668 -47.69 5.57 -18.02
CA PRO A 668 -46.38 5.41 -18.65
C PRO A 668 -45.52 4.34 -17.99
N LYS A 669 -45.30 3.23 -18.70
CA LYS A 669 -44.47 2.16 -18.18
C LYS A 669 -43.05 2.64 -17.94
N GLU A 670 -42.50 3.39 -18.89
CA GLU A 670 -41.17 3.96 -18.79
C GLU A 670 -41.28 5.43 -18.44
N SER A 671 -40.51 5.86 -17.45
CA SER A 671 -40.40 7.26 -17.07
C SER A 671 -38.91 7.62 -17.05
N MET A 672 -38.43 8.21 -18.14
CA MET A 672 -37.04 8.60 -18.27
C MET A 672 -36.90 10.11 -18.08
N LEU A 673 -35.89 10.50 -17.30
CA LEU A 673 -35.55 11.91 -17.12
C LEU A 673 -34.07 12.09 -17.36
N LYS A 674 -33.73 13.04 -18.24
CA LYS A 674 -32.35 13.39 -18.52
C LYS A 674 -31.97 14.67 -17.79
N THR A 675 -30.68 14.99 -17.85
CA THR A 675 -30.18 16.25 -17.30
C THR A 675 -28.82 16.53 -17.92
N THR A 676 -28.67 17.68 -18.56
CA THR A 676 -27.40 18.07 -19.15
C THR A 676 -27.32 19.59 -19.32
N ALA A 685 -22.23 18.27 -20.20
CA ALA A 685 -22.06 16.83 -20.15
C ALA A 685 -23.34 16.14 -19.70
N ASP A 686 -23.35 14.80 -19.76
CA ASP A 686 -24.51 14.01 -19.34
C ASP A 686 -24.59 14.05 -17.83
N LEU A 687 -25.18 15.14 -17.32
CA LEU A 687 -25.16 15.39 -15.88
C LEU A 687 -25.88 14.28 -15.11
N ILE A 688 -27.19 14.16 -15.32
CA ILE A 688 -28.00 13.22 -14.54
C ILE A 688 -28.98 12.53 -15.48
N GLU A 689 -29.20 11.23 -15.25
CA GLU A 689 -30.10 10.41 -16.04
C GLU A 689 -30.99 9.64 -15.09
N ILE A 690 -32.29 9.93 -15.11
CA ILE A 690 -33.27 9.27 -14.25
C ILE A 690 -34.16 8.44 -15.15
N GLY A 691 -34.31 7.16 -14.82
CA GLY A 691 -35.20 6.30 -15.57
C GLY A 691 -35.99 5.40 -14.64
N LEU A 692 -37.09 4.86 -15.16
CA LEU A 692 -37.89 3.90 -14.42
C LEU A 692 -38.81 3.18 -15.39
N GLU A 693 -38.74 1.86 -15.42
CA GLU A 693 -39.63 1.02 -16.19
C GLU A 693 -40.52 0.24 -15.24
N GLY A 694 -41.84 0.30 -15.47
CA GLY A 694 -42.78 -0.35 -14.58
C GLY A 694 -43.88 -1.04 -15.35
N LYS A 695 -44.51 -2.00 -14.68
CA LYS A 695 -45.60 -2.79 -15.23
C LYS A 695 -46.24 -3.57 -14.10
N GLY A 696 -47.44 -4.08 -14.37
CA GLY A 696 -48.19 -4.81 -13.37
C GLY A 696 -48.98 -3.95 -12.41
N PHE A 697 -49.32 -2.72 -12.80
CA PHE A 697 -50.02 -1.79 -11.93
C PHE A 697 -51.41 -1.40 -12.43
N GLU A 698 -51.69 -1.58 -13.71
CA GLU A 698 -53.05 -1.35 -14.20
C GLU A 698 -54.10 -2.22 -13.50
N PRO A 699 -53.88 -3.52 -13.27
CA PRO A 699 -54.85 -4.27 -12.46
C PRO A 699 -55.02 -3.69 -11.06
N THR A 700 -53.92 -3.22 -10.46
CA THR A 700 -54.02 -2.59 -9.15
C THR A 700 -54.90 -1.34 -9.20
N LEU A 701 -54.76 -0.55 -10.27
CA LEU A 701 -55.62 0.61 -10.44
C LEU A 701 -57.07 0.21 -10.63
N GLU A 702 -57.31 -0.80 -11.47
CA GLU A 702 -58.66 -1.24 -11.76
C GLU A 702 -59.32 -1.96 -10.60
N ALA A 703 -58.54 -2.33 -9.58
CA ALA A 703 -59.09 -3.03 -8.42
C ALA A 703 -60.27 -2.28 -7.81
N LEU A 704 -60.21 -0.95 -7.81
CA LEU A 704 -61.35 -0.13 -7.40
C LEU A 704 -61.80 0.83 -8.50
N PHE A 705 -60.88 1.39 -9.27
CA PHE A 705 -61.27 2.28 -10.35
C PHE A 705 -62.02 1.54 -11.44
N GLY A 706 -61.56 0.34 -11.79
CA GLY A 706 -62.19 -0.44 -12.84
C GLY A 706 -63.55 -0.98 -12.46
N LEU A 756 -68.43 -1.59 1.02
CA LEU A 756 -68.80 -2.95 0.69
C LEU A 756 -67.74 -3.60 -0.21
N SER A 757 -67.02 -2.76 -0.95
CA SER A 757 -66.02 -3.27 -1.88
C SER A 757 -64.83 -3.89 -1.15
N VAL A 758 -64.48 -3.34 0.02
CA VAL A 758 -63.25 -3.71 0.70
C VAL A 758 -63.23 -5.19 1.05
N GLU A 759 -64.39 -5.76 1.38
CA GLU A 759 -64.43 -7.17 1.75
C GLU A 759 -63.95 -8.06 0.62
N LYS A 760 -64.38 -7.78 -0.61
CA LYS A 760 -63.89 -8.54 -1.76
C LYS A 760 -62.49 -8.13 -2.17
N LEU A 761 -62.15 -6.84 -2.02
CA LEU A 761 -60.81 -6.39 -2.38
C LEU A 761 -59.74 -7.05 -1.53
N ILE A 762 -60.02 -7.28 -0.24
CA ILE A 762 -59.04 -7.91 0.63
C ILE A 762 -58.69 -9.31 0.12
N LYS A 763 -59.70 -10.08 -0.24
CA LYS A 763 -59.45 -11.41 -0.81
C LYS A 763 -58.80 -11.32 -2.18
N ASP A 764 -59.13 -10.29 -2.95
CA ASP A 764 -58.58 -10.13 -4.29
C ASP A 764 -57.17 -9.55 -4.29
N LEU A 765 -56.64 -9.17 -3.13
CA LEU A 765 -55.31 -8.57 -3.08
C LEU A 765 -54.26 -9.52 -3.64
N LYS A 766 -54.26 -10.78 -3.20
CA LYS A 766 -53.26 -11.73 -3.66
C LYS A 766 -53.44 -12.10 -5.12
N SER A 767 -54.65 -11.95 -5.67
CA SER A 767 -54.91 -12.36 -7.05
C SER A 767 -54.34 -11.36 -8.05
N LYS A 768 -53.97 -10.16 -7.62
CA LYS A 768 -53.49 -9.15 -8.55
C LYS A 768 -52.17 -9.57 -9.19
N GLU A 769 -51.94 -9.09 -10.40
CA GLU A 769 -50.70 -9.36 -11.10
C GLU A 769 -49.53 -8.77 -10.32
N VAL A 770 -48.40 -9.46 -10.35
CA VAL A 770 -47.23 -9.09 -9.56
C VAL A 770 -46.71 -7.73 -10.01
N PRO A 771 -46.66 -6.74 -9.11
CA PRO A 771 -46.07 -5.45 -9.48
C PRO A 771 -44.59 -5.62 -9.82
N GLU A 772 -44.14 -4.85 -10.80
CA GLU A 772 -42.78 -4.99 -11.32
C GLU A 772 -42.26 -3.63 -11.75
N ALA A 773 -41.37 -3.05 -10.95
CA ALA A 773 -40.83 -1.73 -11.27
C ALA A 773 -39.32 -1.76 -11.08
N ARG A 774 -38.63 -0.90 -11.82
CA ARG A 774 -37.18 -0.80 -11.74
C ARG A 774 -36.77 0.59 -12.21
N ALA A 775 -36.27 1.41 -11.29
CA ALA A 775 -35.75 2.72 -11.61
C ALA A 775 -34.23 2.70 -11.54
N TYR A 776 -33.60 3.70 -12.13
CA TYR A 776 -32.15 3.76 -12.20
C TYR A 776 -31.70 5.21 -12.34
N LEU A 777 -30.45 5.44 -11.94
CA LEU A 777 -29.82 6.75 -12.01
C LEU A 777 -28.40 6.58 -12.54
N ARG A 778 -28.05 7.40 -13.53
CA ARG A 778 -26.72 7.40 -14.14
C ARG A 778 -26.26 8.84 -14.26
N ILE A 779 -25.18 9.18 -13.56
CA ILE A 779 -24.65 10.53 -13.56
C ILE A 779 -23.25 10.53 -14.16
N LEU A 780 -22.99 11.52 -15.01
CA LEU A 780 -21.70 11.64 -15.71
C LEU A 780 -21.41 10.40 -16.54
N GLY A 781 -22.44 9.88 -17.20
CA GLY A 781 -22.30 8.66 -17.99
C GLY A 781 -22.31 7.40 -17.16
N GLU A 782 -21.51 7.35 -16.10
CA GLU A 782 -21.45 6.18 -15.25
C GLU A 782 -22.80 5.94 -14.59
N GLU A 783 -23.30 4.72 -14.70
CA GLU A 783 -24.54 4.35 -14.03
C GLU A 783 -24.30 4.31 -12.53
N LEU A 784 -24.87 5.26 -11.81
CA LEU A 784 -24.70 5.29 -10.36
C LEU A 784 -25.34 4.08 -9.72
N GLY A 785 -26.61 3.81 -10.05
CA GLY A 785 -27.26 2.66 -9.45
C GLY A 785 -28.74 2.56 -9.73
N PHE A 786 -29.30 1.36 -9.56
CA PHE A 786 -30.70 1.11 -9.83
C PHE A 786 -31.35 0.45 -8.63
N ALA A 787 -32.65 0.64 -8.51
CA ALA A 787 -33.45 0.00 -7.48
C ALA A 787 -34.73 -0.54 -8.09
N SER A 788 -35.06 -1.78 -7.77
CA SER A 788 -36.26 -2.42 -8.28
C SER A 788 -37.08 -2.98 -7.11
N LEU A 789 -38.30 -3.39 -7.43
CA LEU A 789 -39.13 -4.07 -6.43
C LEU A 789 -38.45 -5.36 -5.95
N HIS A 790 -37.78 -6.05 -6.86
CA HIS A 790 -36.95 -7.18 -6.45
C HIS A 790 -35.86 -6.73 -5.49
N ASP A 791 -35.26 -5.57 -5.75
CA ASP A 791 -34.32 -4.99 -4.81
C ASP A 791 -35.01 -4.65 -3.49
N LEU A 792 -36.29 -4.28 -3.54
CA LEU A 792 -37.00 -3.96 -2.30
C LEU A 792 -37.23 -5.20 -1.44
N GLN A 793 -37.66 -6.30 -2.04
CA GLN A 793 -37.80 -7.52 -1.27
C GLN A 793 -36.44 -8.06 -0.85
N LEU A 794 -35.39 -7.78 -1.63
CA LEU A 794 -34.04 -8.08 -1.19
C LEU A 794 -33.69 -7.28 0.07
N LEU A 795 -34.09 -6.01 0.11
CA LEU A 795 -33.90 -5.21 1.32
C LEU A 795 -34.67 -5.78 2.49
N GLY A 796 -35.88 -6.27 2.24
CA GLY A 796 -36.63 -6.94 3.30
C GLY A 796 -35.90 -8.16 3.84
N LYS A 797 -35.34 -8.97 2.93
CA LYS A 797 -34.55 -10.12 3.36
C LYS A 797 -33.31 -9.68 4.13
N LEU A 798 -32.70 -8.58 3.72
CA LEU A 798 -31.53 -8.06 4.44
C LEU A 798 -31.91 -7.62 5.84
N LEU A 799 -33.06 -6.99 6.00
CA LEU A 799 -33.54 -6.63 7.34
C LEU A 799 -33.84 -7.87 8.16
N LEU A 800 -34.35 -8.92 7.52
CA LEU A 800 -34.53 -10.19 8.21
C LEU A 800 -33.19 -10.74 8.71
N MET A 801 -32.16 -10.67 7.86
CA MET A 801 -30.83 -11.12 8.27
C MET A 801 -30.31 -10.27 9.43
N GLY A 802 -30.56 -8.96 9.38
CA GLY A 802 -30.16 -8.10 10.47
C GLY A 802 -30.85 -8.44 11.77
N ALA A 803 -32.15 -8.76 11.69
CA ALA A 803 -32.87 -9.20 12.87
C ALA A 803 -32.30 -10.49 13.42
N ARG A 804 -31.92 -11.42 12.53
CA ARG A 804 -31.27 -12.65 12.97
C ARG A 804 -29.96 -12.35 13.67
N THR A 805 -29.17 -11.42 13.13
CA THR A 805 -27.91 -11.05 13.77
C THR A 805 -28.17 -10.46 15.16
N LEU A 806 -29.17 -9.59 15.28
CA LEU A 806 -29.51 -9.03 16.59
C LEU A 806 -29.95 -10.10 17.56
N GLN A 807 -30.68 -11.11 17.08
CA GLN A 807 -31.05 -12.23 17.93
C GLN A 807 -29.86 -13.12 18.26
N GLY A 808 -28.77 -13.00 17.50
CA GLY A 808 -27.60 -13.85 17.73
C GLY A 808 -26.82 -13.54 18.99
N ILE A 809 -26.91 -12.31 19.51
CA ILE A 809 -26.14 -11.94 20.69
C ILE A 809 -26.46 -12.84 21.89
N PRO A 810 -27.71 -13.18 22.18
CA PRO A 810 -27.95 -14.19 23.24
C PRO A 810 -27.19 -15.47 23.03
N GLN A 811 -27.00 -15.91 21.78
CA GLN A 811 -26.14 -17.05 21.52
C GLN A 811 -24.67 -16.69 21.70
N MET A 812 -24.27 -15.47 21.32
CA MET A 812 -22.88 -15.05 21.45
C MET A 812 -22.44 -14.93 22.91
N ILE A 813 -23.39 -14.78 23.84
CA ILE A 813 -23.01 -14.70 25.24
C ILE A 813 -22.40 -16.02 25.70
N GLY A 814 -22.76 -17.13 25.05
CA GLY A 814 -22.12 -18.40 25.37
C GLY A 814 -20.64 -18.40 25.04
N GLU A 815 -20.28 -17.88 23.87
CA GLU A 815 -18.87 -17.72 23.54
C GLU A 815 -18.20 -16.72 24.45
N VAL A 816 -18.92 -15.67 24.85
CA VAL A 816 -18.37 -14.68 25.77
C VAL A 816 -17.99 -15.34 27.09
N ILE A 817 -18.90 -16.15 27.64
CA ILE A 817 -18.66 -16.81 28.92
C ILE A 817 -17.78 -18.06 28.78
N ARG A 818 -17.49 -18.49 27.55
CA ARG A 818 -16.61 -19.64 27.37
C ARG A 818 -15.23 -19.37 27.95
N LYS A 819 -14.83 -18.09 28.00
CA LYS A 819 -13.56 -17.68 28.59
C LYS A 819 -12.38 -18.38 27.93
N GLY A 820 -11.25 -18.45 28.64
CA GLY A 820 -10.05 -19.08 28.11
C GLY A 820 -9.48 -18.34 26.92
N SER A 821 -9.00 -17.12 27.15
CA SER A 821 -8.46 -16.31 26.07
C SER A 821 -7.44 -15.33 26.61
N LYS A 822 -6.61 -14.82 25.70
CA LYS A 822 -5.62 -13.79 26.04
C LYS A 822 -5.19 -13.13 24.74
N ASN A 823 -5.48 -11.83 24.61
CA ASN A 823 -5.18 -11.08 23.39
C ASN A 823 -4.34 -9.86 23.76
N ASP A 824 -3.22 -9.69 23.07
CA ASP A 824 -2.28 -8.61 23.35
C ASP A 824 -2.70 -7.39 22.53
N PHE A 825 -3.66 -6.65 23.07
CA PHE A 825 -4.14 -5.46 22.39
C PHE A 825 -3.08 -4.37 22.48
N PHE A 826 -2.13 -4.38 21.55
CA PHE A 826 -1.07 -3.38 21.48
C PHE A 826 -1.24 -2.58 20.20
N LEU A 827 -1.37 -1.27 20.33
CA LEU A 827 -1.63 -0.39 19.19
C LEU A 827 -0.35 0.37 18.87
N HIS A 828 0.07 0.32 17.62
CA HIS A 828 1.27 1.02 17.21
C HIS A 828 0.92 2.26 16.39
N TYR A 829 1.88 3.17 16.31
CA TYR A 829 1.73 4.35 15.47
C TYR A 829 3.09 4.95 15.22
N ILE A 830 3.21 5.64 14.09
CA ILE A 830 4.39 6.41 13.75
C ILE A 830 3.96 7.87 13.61
N PHE A 831 4.54 8.74 14.42
CA PHE A 831 4.15 10.15 14.39
C PHE A 831 5.05 11.00 13.51
N MET A 832 6.29 10.58 13.27
CA MET A 832 7.21 11.29 12.39
C MET A 832 7.68 10.34 11.30
N GLU A 833 7.58 10.78 10.04
CA GLU A 833 7.96 9.97 8.89
C GLU A 833 8.64 10.91 7.89
N ASN A 834 9.96 10.97 7.95
CA ASN A 834 10.75 11.77 7.01
C ASN A 834 11.90 10.89 6.51
N ALA A 835 11.62 10.11 5.47
CA ALA A 835 12.59 9.21 4.87
C ALA A 835 12.77 9.58 3.40
N PHE A 836 14.01 9.46 2.92
CA PHE A 836 14.30 9.90 1.55
C PHE A 836 15.56 9.19 1.08
N GLU A 837 16.18 9.71 0.02
CA GLU A 837 17.45 9.20 -0.46
C GLU A 837 18.34 10.38 -0.81
N LEU A 838 19.61 10.29 -0.44
CA LEU A 838 20.53 11.36 -0.81
C LEU A 838 21.75 10.77 -1.51
N PRO A 839 22.52 11.61 -2.22
CA PRO A 839 23.69 11.11 -2.97
C PRO A 839 24.52 10.06 -2.27
N THR A 840 24.70 8.94 -2.96
CA THR A 840 25.50 7.82 -2.48
C THR A 840 26.79 7.72 -3.28
N GLY A 841 27.92 7.91 -2.60
CA GLY A 841 29.19 7.73 -3.26
C GLY A 841 29.42 6.28 -3.64
N ALA A 842 28.98 5.36 -2.81
CA ALA A 842 29.12 3.94 -3.03
C ALA A 842 28.25 3.43 -4.14
N GLY A 843 27.56 4.28 -4.90
CA GLY A 843 26.69 3.81 -5.94
C GLY A 843 25.43 3.19 -5.37
N LEU A 844 25.61 2.20 -4.50
CA LEU A 844 24.50 1.65 -3.75
C LEU A 844 23.83 2.76 -2.94
N GLN A 845 22.51 2.79 -2.99
CA GLN A 845 21.76 3.96 -2.54
C GLN A 845 22.00 4.26 -1.07
N LEU A 846 22.03 5.55 -0.75
CA LEU A 846 22.10 6.03 0.64
C LEU A 846 20.74 6.59 1.00
N GLN A 847 19.85 5.72 1.48
CA GLN A 847 18.57 6.23 1.93
C GLN A 847 18.71 6.84 3.32
N ILE A 848 17.64 7.46 3.78
CA ILE A 848 17.63 8.12 5.08
C ILE A 848 16.31 7.80 5.76
N SER A 849 16.38 7.05 6.85
CA SER A 849 15.22 6.62 7.61
C SER A 849 15.11 7.48 8.87
N SER A 850 13.92 8.01 9.11
CA SER A 850 13.63 8.77 10.31
C SER A 850 12.20 8.46 10.73
N SER A 851 12.05 7.81 11.88
CA SER A 851 10.74 7.33 12.33
C SER A 851 10.66 7.41 13.84
N GLY A 852 9.73 8.22 14.33
CA GLY A 852 9.35 8.19 15.72
C GLY A 852 8.12 7.32 15.90
N VAL A 853 8.24 6.26 16.69
CA VAL A 853 7.21 5.26 16.82
C VAL A 853 6.75 5.19 18.28
N ILE A 854 5.45 5.28 18.46
CA ILE A 854 4.81 5.07 19.76
C ILE A 854 4.07 3.74 19.71
N ALA A 855 3.99 3.08 20.86
CA ALA A 855 3.31 1.78 20.94
C ALA A 855 2.84 1.56 22.37
N PRO A 856 1.62 1.99 22.69
CA PRO A 856 0.99 1.59 23.94
C PRO A 856 0.14 0.34 23.75
N GLY A 857 -0.37 -0.17 24.85
CA GLY A 857 -1.32 -1.26 24.78
C GLY A 857 -1.26 -2.13 26.02
N ALA A 858 -2.27 -3.00 26.13
CA ALA A 858 -2.40 -3.92 27.25
C ALA A 858 -2.72 -5.31 26.74
N LYS A 859 -2.38 -6.32 27.53
CA LYS A 859 -2.61 -7.72 27.17
C LYS A 859 -3.79 -8.24 27.97
N ALA A 860 -4.98 -8.18 27.37
CA ALA A 860 -6.23 -8.50 28.06
C ALA A 860 -6.81 -9.80 27.52
N GLY A 861 -7.20 -10.68 28.44
CA GLY A 861 -7.84 -11.94 28.07
C GLY A 861 -8.65 -12.49 29.21
N VAL A 862 -9.64 -13.31 28.87
CA VAL A 862 -10.61 -13.81 29.85
C VAL A 862 -10.43 -15.32 29.99
N LYS A 863 -10.26 -15.78 31.23
CA LYS A 863 -10.17 -17.21 31.52
C LYS A 863 -10.54 -17.39 32.99
N LEU A 864 -11.68 -18.04 33.24
CA LEU A 864 -12.17 -18.19 34.61
C LEU A 864 -13.19 -19.33 34.63
N GLU A 865 -13.72 -19.60 35.82
CA GLU A 865 -14.73 -20.65 36.01
C GLU A 865 -15.57 -20.29 37.23
N VAL A 866 -16.78 -19.79 36.98
CA VAL A 866 -17.65 -19.38 38.08
C VAL A 866 -18.11 -20.59 38.89
N ALA A 867 -18.53 -21.65 38.21
CA ALA A 867 -18.99 -22.85 38.92
C ALA A 867 -17.88 -23.44 39.78
N ASN A 868 -16.67 -23.47 39.25
CA ASN A 868 -15.51 -23.88 40.04
C ASN A 868 -14.98 -22.74 40.90
N MET A 869 -15.57 -21.55 40.81
CA MET A 869 -15.13 -20.38 41.56
C MET A 869 -13.68 -20.04 41.22
N GLN A 870 -13.46 -19.71 39.95
CA GLN A 870 -12.15 -19.39 39.43
C GLN A 870 -12.17 -17.97 38.85
N ALA A 871 -11.11 -17.22 39.11
CA ALA A 871 -11.01 -15.84 38.63
C ALA A 871 -9.55 -15.43 38.61
N GLU A 872 -9.28 -14.34 37.89
CA GLU A 872 -7.93 -13.81 37.76
C GLU A 872 -8.02 -12.39 37.21
N LEU A 873 -6.88 -11.70 37.22
CA LEU A 873 -6.79 -10.35 36.67
C LEU A 873 -5.78 -10.34 35.53
N VAL A 874 -6.07 -9.50 34.53
CA VAL A 874 -5.31 -9.48 33.28
C VAL A 874 -5.10 -8.02 32.89
N ALA A 875 -4.55 -7.79 31.70
CA ALA A 875 -4.47 -6.45 31.09
C ALA A 875 -3.59 -5.48 31.86
N LYS A 876 -2.30 -5.77 31.95
CA LYS A 876 -1.33 -4.81 32.42
C LYS A 876 -0.89 -3.95 31.24
N PRO A 877 -1.18 -2.65 31.23
CA PRO A 877 -0.81 -1.81 30.07
C PRO A 877 0.59 -1.23 30.18
N SER A 878 1.19 -1.01 29.02
CA SER A 878 2.54 -0.48 28.91
C SER A 878 2.67 0.30 27.61
N VAL A 879 3.67 1.18 27.58
CA VAL A 879 3.90 2.08 26.45
C VAL A 879 5.38 2.07 26.10
N SER A 880 5.70 2.06 24.81
CA SER A 880 7.07 2.05 24.34
C SER A 880 7.27 3.08 23.24
N VAL A 881 8.52 3.54 23.11
CA VAL A 881 8.90 4.56 22.14
C VAL A 881 10.18 4.13 21.44
N GLU A 882 10.24 4.35 20.13
CA GLU A 882 11.43 4.04 19.34
C GLU A 882 11.76 5.23 18.43
N PHE A 883 12.99 5.73 18.55
CA PHE A 883 13.50 6.78 17.66
C PHE A 883 14.41 6.16 16.60
N VAL A 884 13.80 5.43 15.67
CA VAL A 884 14.56 4.70 14.66
C VAL A 884 15.00 5.70 13.60
N THR A 885 16.24 6.12 13.65
CA THR A 885 16.73 7.19 12.78
C THR A 885 18.18 6.95 12.41
N ASN A 886 18.46 6.88 11.11
CA ASN A 886 19.82 6.92 10.59
C ASN A 886 19.74 7.10 9.08
N MET A 887 20.87 6.93 8.41
CA MET A 887 20.89 6.71 6.98
C MET A 887 20.94 5.22 6.72
N GLY A 888 20.04 4.73 5.89
CA GLY A 888 20.05 3.35 5.47
C GLY A 888 21.08 3.11 4.39
N ILE A 889 22.13 2.37 4.75
CA ILE A 889 23.13 1.93 3.77
C ILE A 889 22.65 0.56 3.31
N ILE A 890 21.73 0.58 2.35
CA ILE A 890 21.06 -0.63 1.90
C ILE A 890 21.24 -0.76 0.40
N ILE A 891 21.62 -1.96 -0.04
CA ILE A 891 21.68 -2.29 -1.46
C ILE A 891 20.38 -3.02 -1.81
N PRO A 892 19.50 -2.42 -2.59
CA PRO A 892 18.16 -3.01 -2.79
C PRO A 892 18.27 -4.43 -3.33
N ASP A 893 17.54 -5.33 -2.68
CA ASP A 893 17.47 -6.75 -3.00
C ASP A 893 18.80 -7.46 -2.80
N PHE A 894 19.84 -6.76 -2.35
CA PHE A 894 21.15 -7.37 -2.22
C PHE A 894 21.68 -7.36 -0.80
N ALA A 895 21.74 -6.20 -0.16
CA ALA A 895 22.23 -6.16 1.21
C ALA A 895 21.77 -4.86 1.88
N ARG A 896 21.84 -4.85 3.20
CA ARG A 896 21.44 -3.71 4.01
C ARG A 896 22.44 -3.54 5.14
N SER A 897 22.79 -2.28 5.42
CA SER A 897 23.74 -1.97 6.47
C SER A 897 23.42 -0.60 7.04
N GLY A 898 24.06 -0.30 8.17
CA GLY A 898 23.78 0.92 8.92
C GLY A 898 23.25 0.60 10.31
N VAL A 899 23.12 1.66 11.10
CA VAL A 899 22.63 1.56 12.47
C VAL A 899 21.73 2.75 12.75
N GLN A 900 20.43 2.50 12.88
CA GLN A 900 19.52 3.54 13.31
C GLN A 900 19.67 3.81 14.80
N MET A 901 19.32 5.03 15.20
CA MET A 901 19.33 5.36 16.62
C MET A 901 18.37 4.44 17.36
N ASN A 902 18.82 3.93 18.51
CA ASN A 902 18.05 2.96 19.29
C ASN A 902 18.00 3.44 20.74
N THR A 903 17.03 4.31 21.01
CA THR A 903 16.74 4.77 22.37
C THR A 903 15.26 4.52 22.62
N ASN A 904 14.96 3.89 23.76
CA ASN A 904 13.62 3.42 24.05
C ASN A 904 13.08 4.11 25.30
N PHE A 905 11.90 4.70 25.18
CA PHE A 905 11.19 5.30 26.30
C PHE A 905 9.99 4.41 26.61
N PHE A 906 10.16 3.51 27.58
CA PHE A 906 9.14 2.52 27.89
C PHE A 906 8.71 2.66 29.33
N HIS A 907 7.41 2.46 29.56
CA HIS A 907 6.82 2.42 30.88
C HIS A 907 5.93 1.20 30.99
N GLU A 908 5.96 0.55 32.15
CA GLU A 908 5.17 -0.64 32.41
C GLU A 908 4.21 -0.35 33.56
N SER A 909 2.98 -0.84 33.42
CA SER A 909 1.94 -0.62 34.41
C SER A 909 0.95 -1.78 34.36
N GLY A 910 0.09 -1.83 35.36
CA GLY A 910 -0.96 -2.83 35.42
C GLY A 910 -0.56 -4.04 36.24
N LEU A 911 -1.56 -4.66 36.87
CA LEU A 911 -1.34 -5.79 37.77
C LEU A 911 -2.19 -6.96 37.30
N GLU A 912 -1.76 -8.15 37.72
CA GLU A 912 -2.46 -9.39 37.40
C GLU A 912 -2.63 -10.22 38.66
N ALA A 913 -3.83 -10.78 38.84
CA ALA A 913 -4.18 -11.53 40.04
C ALA A 913 -4.75 -12.89 39.63
N HIS A 914 -5.15 -13.66 40.64
CA HIS A 914 -5.68 -15.00 40.38
C HIS A 914 -6.46 -15.45 41.62
N VAL A 915 -7.77 -15.67 41.47
CA VAL A 915 -8.63 -16.06 42.58
C VAL A 915 -9.31 -17.37 42.22
N ALA A 916 -9.18 -18.36 43.10
CA ALA A 916 -9.73 -19.69 42.86
C ALA A 916 -10.35 -20.21 44.16
N LEU A 917 -10.90 -21.43 44.09
CA LEU A 917 -11.48 -22.08 45.26
C LEU A 917 -11.52 -23.58 45.01
N LYS A 918 -11.01 -24.35 45.96
CA LYS A 918 -11.01 -25.81 45.86
C LYS A 918 -10.94 -26.40 47.26
N ALA A 919 -11.62 -27.55 47.44
CA ALA A 919 -11.66 -28.26 48.71
C ALA A 919 -12.14 -27.37 49.85
N GLY A 920 -12.98 -26.38 49.52
CA GLY A 920 -13.44 -25.42 50.49
C GLY A 920 -12.46 -24.33 50.83
N LYS A 921 -11.23 -24.41 50.33
CA LYS A 921 -10.19 -23.42 50.63
C LYS A 921 -10.33 -22.26 49.65
N LEU A 922 -10.86 -21.14 50.14
CA LEU A 922 -11.06 -19.94 49.32
C LEU A 922 -9.76 -19.14 49.24
N LYS A 923 -8.79 -19.69 48.51
CA LYS A 923 -7.49 -19.05 48.37
C LYS A 923 -7.57 -17.97 47.29
N PHE A 924 -7.17 -16.75 47.65
CA PHE A 924 -7.24 -15.59 46.76
C PHE A 924 -5.81 -15.17 46.47
N ILE A 925 -5.20 -15.80 45.47
CA ILE A 925 -3.78 -15.60 45.21
C ILE A 925 -3.54 -14.21 44.63
N ILE A 926 -2.50 -13.55 45.12
CA ILE A 926 -2.02 -12.31 44.53
C ILE A 926 -0.68 -12.61 43.89
N PRO A 927 -0.65 -13.12 42.65
CA PRO A 927 0.60 -13.57 42.05
C PRO A 927 1.56 -12.44 41.71
N SER A 928 2.68 -12.39 42.42
CA SER A 928 3.77 -11.53 42.00
C SER A 928 4.40 -12.13 40.75
N PRO A 929 4.48 -11.40 39.64
CA PRO A 929 4.93 -12.01 38.39
C PRO A 929 6.37 -12.49 38.49
N LYS A 930 6.64 -13.60 37.81
CA LYS A 930 8.02 -14.07 37.71
C LYS A 930 8.90 -13.03 37.02
N ARG A 931 8.39 -12.43 35.96
CA ARG A 931 9.07 -11.30 35.34
C ARG A 931 8.84 -10.06 36.21
N PRO A 932 9.90 -9.44 36.73
CA PRO A 932 9.71 -8.22 37.52
C PRO A 932 9.04 -7.14 36.69
N VAL A 933 8.14 -6.40 37.32
CA VAL A 933 7.38 -5.37 36.63
C VAL A 933 8.22 -4.10 36.54
N LYS A 934 8.35 -3.57 35.33
CA LYS A 934 9.07 -2.33 35.14
C LYS A 934 8.19 -1.15 35.54
N LEU A 935 8.83 -0.01 35.72
CA LEU A 935 8.13 1.24 36.00
C LEU A 935 8.42 2.30 34.96
N LEU A 936 9.68 2.42 34.54
CA LEU A 936 10.05 3.35 33.48
C LEU A 936 11.36 2.88 32.84
N SER A 937 11.50 3.15 31.55
CA SER A 937 12.69 2.80 30.80
C SER A 937 13.15 4.00 29.98
N GLY A 938 14.45 4.22 29.96
CA GLY A 938 15.05 5.29 29.20
C GLY A 938 16.53 5.03 28.99
N GLY A 939 17.10 5.76 28.05
CA GLY A 939 18.47 5.56 27.67
C GLY A 939 18.61 4.74 26.40
N ASN A 940 19.69 5.00 25.67
CA ASN A 940 19.90 4.37 24.38
C ASN A 940 20.47 2.97 24.54
N THR A 941 20.11 2.09 23.60
CA THR A 941 20.66 0.74 23.52
C THR A 941 20.72 0.37 22.04
N LEU A 942 21.88 0.61 21.43
CA LEU A 942 22.00 0.59 19.99
C LEU A 942 22.21 -0.84 19.48
N HIS A 943 22.13 -0.98 18.15
CA HIS A 943 22.09 -2.29 17.53
C HIS A 943 22.70 -2.20 16.14
N LEU A 944 23.71 -3.04 15.89
CA LEU A 944 24.27 -3.12 14.55
C LEU A 944 23.30 -3.85 13.64
N VAL A 945 22.80 -3.15 12.63
CA VAL A 945 21.76 -3.67 11.76
C VAL A 945 22.41 -4.27 10.52
N SER A 946 22.20 -5.56 10.31
CA SER A 946 22.73 -6.27 9.17
C SER A 946 21.60 -6.61 8.20
N THR A 947 21.99 -7.01 7.00
CA THR A 947 21.02 -7.51 6.03
C THR A 947 20.31 -8.74 6.58
N THR A 948 21.07 -9.67 7.17
CA THR A 948 20.47 -10.88 7.71
C THR A 948 19.65 -10.59 8.95
N LYS A 949 20.30 -10.07 9.99
CA LYS A 949 19.63 -9.82 11.25
C LYS A 949 20.45 -8.85 12.07
N THR A 950 19.82 -7.81 12.60
CA THR A 950 20.49 -6.90 13.50
C THR A 950 20.83 -7.61 14.80
N GLU A 951 21.90 -7.16 15.44
CA GLU A 951 22.35 -7.73 16.70
C GLU A 951 22.80 -6.60 17.61
N VAL A 952 22.63 -6.83 18.92
CA VAL A 952 22.81 -5.75 19.88
C VAL A 952 24.22 -5.18 19.81
N ILE A 953 24.31 -3.86 19.79
CA ILE A 953 25.61 -3.21 19.95
C ILE A 953 26.05 -3.34 21.40
N PRO A 954 27.25 -3.84 21.67
CA PRO A 954 27.71 -3.98 23.04
C PRO A 954 27.78 -2.64 23.73
N PRO A 955 27.36 -2.55 24.98
CA PRO A 955 27.45 -1.29 25.71
C PRO A 955 28.87 -1.02 26.18
N LEU A 956 29.12 0.25 26.50
CA LEU A 956 30.42 0.64 27.02
C LEU A 956 30.60 0.14 28.45
N ILE A 957 31.86 0.05 28.87
CA ILE A 957 32.22 -0.42 30.19
C ILE A 957 32.83 0.68 31.05
N GLU A 958 33.92 1.28 30.58
CA GLU A 958 34.60 2.31 31.33
C GLU A 958 33.72 3.55 31.46
N ASN A 959 33.73 4.16 32.64
CA ASN A 959 33.03 5.38 32.99
C ASN A 959 31.51 5.22 32.99
N ARG A 960 30.99 4.07 32.60
CA ARG A 960 29.56 3.80 32.71
C ARG A 960 29.28 3.46 34.17
N GLN A 961 28.89 4.46 34.95
CA GLN A 961 28.66 4.25 36.37
C GLN A 961 27.48 3.30 36.54
N SER A 962 27.76 2.07 36.95
CA SER A 962 26.73 1.03 37.02
C SER A 962 25.90 1.21 38.29
N TRP A 963 25.32 2.40 38.42
CA TRP A 963 24.58 2.73 39.63
C TRP A 963 23.31 1.91 39.71
N SER A 964 22.97 1.48 40.92
CA SER A 964 21.78 0.65 41.14
C SER A 964 21.27 0.96 42.54
N VAL A 965 20.21 1.75 42.61
CA VAL A 965 19.57 2.12 43.86
C VAL A 965 18.35 1.22 44.04
N CYS A 966 18.43 0.28 44.98
CA CYS A 966 17.36 -0.66 45.24
C CYS A 966 16.89 -0.50 46.69
N LYS A 967 15.63 -0.85 46.94
CA LYS A 967 15.11 -0.79 48.30
C LYS A 967 13.92 -1.73 48.43
N GLN A 968 13.97 -2.61 49.42
CA GLN A 968 12.84 -3.49 49.72
C GLN A 968 11.78 -2.66 50.43
N VAL A 969 11.05 -1.87 49.65
CA VAL A 969 10.02 -1.00 50.21
C VAL A 969 8.93 -1.83 50.87
N PHE A 970 8.49 -2.89 50.20
CA PHE A 970 7.50 -3.77 50.78
C PHE A 970 8.11 -5.15 51.06
N PRO A 971 7.68 -5.82 52.12
CA PRO A 971 8.17 -7.17 52.39
C PRO A 971 7.91 -8.12 51.23
N GLY A 972 8.98 -8.60 50.60
CA GLY A 972 8.90 -9.49 49.47
C GLY A 972 9.14 -8.84 48.12
N LEU A 973 9.06 -7.51 48.05
CA LEU A 973 9.22 -6.78 46.80
C LEU A 973 10.30 -5.72 46.95
N ASN A 974 10.99 -5.42 45.85
CA ASN A 974 12.05 -4.42 45.82
C ASN A 974 11.71 -3.39 44.77
N TYR A 975 11.51 -2.15 45.22
CA TYR A 975 11.45 -0.99 44.35
C TYR A 975 12.88 -0.58 44.04
N CYS A 976 13.29 -0.72 42.79
CA CYS A 976 14.69 -0.46 42.47
C CYS A 976 14.80 0.21 41.12
N THR A 977 15.97 0.78 40.87
CA THR A 977 16.29 1.41 39.60
C THR A 977 17.79 1.34 39.40
N SER A 978 18.21 1.48 38.15
CA SER A 978 19.61 1.30 37.80
C SER A 978 19.90 2.05 36.51
N GLY A 979 21.19 2.22 36.24
CA GLY A 979 21.62 2.88 35.02
C GLY A 979 23.12 2.96 34.95
N ALA A 980 23.59 3.40 33.78
CA ALA A 980 25.02 3.56 33.53
C ALA A 980 25.21 4.38 32.26
N TYR A 981 26.11 5.36 32.33
CA TYR A 981 26.50 6.12 31.15
C TYR A 981 27.88 6.72 31.38
N SER A 982 28.72 6.68 30.37
CA SER A 982 30.07 7.21 30.47
C SER A 982 30.05 8.72 30.39
N ASN A 983 30.88 9.36 31.21
CA ASN A 983 30.97 10.81 31.22
C ASN A 983 32.22 11.29 30.49
N ALA A 990 34.09 11.51 22.87
CA ALA A 990 33.32 12.27 23.85
C ALA A 990 32.14 12.99 23.19
N SER A 991 31.35 12.22 22.44
CA SER A 991 30.17 12.79 21.80
C SER A 991 29.15 13.22 22.85
N TYR A 992 28.33 14.20 22.48
CA TYR A 992 27.27 14.64 23.38
C TYR A 992 26.25 13.52 23.56
N TYR A 993 25.67 13.46 24.75
CA TYR A 993 24.70 12.40 25.04
C TYR A 993 23.51 12.53 24.11
N PRO A 994 22.92 11.42 23.66
CA PRO A 994 23.26 10.02 23.99
C PRO A 994 24.32 9.45 23.06
N LEU A 995 24.87 10.28 22.16
CA LEU A 995 25.91 9.80 21.26
C LEU A 995 27.20 9.46 21.97
N THR A 996 27.32 9.83 23.26
CA THR A 996 28.47 9.43 24.05
C THR A 996 28.60 7.91 24.16
N GLY A 997 27.49 7.19 24.07
CA GLY A 997 27.52 5.75 24.20
C GLY A 997 26.22 5.26 24.79
N ASP A 998 26.23 4.00 25.24
CA ASP A 998 25.03 3.41 25.79
C ASP A 998 24.63 4.11 27.09
N THR A 999 23.33 4.31 27.24
CA THR A 999 22.76 4.92 28.43
C THR A 999 21.68 4.02 28.97
N ARG A 1000 21.65 3.85 30.29
CA ARG A 1000 20.68 3.00 30.96
C ARG A 1000 19.95 3.82 32.01
N LEU A 1001 18.63 3.64 32.08
CA LEU A 1001 17.82 4.23 33.13
C LEU A 1001 16.56 3.37 33.26
N GLU A 1002 16.54 2.49 34.24
CA GLU A 1002 15.47 1.51 34.37
C GLU A 1002 14.97 1.49 35.81
N LEU A 1003 13.70 1.83 36.00
CA LEU A 1003 13.03 1.75 37.29
C LEU A 1003 11.96 0.67 37.22
N GLU A 1004 11.91 -0.17 38.26
CA GLU A 1004 11.07 -1.36 38.21
C GLU A 1004 10.83 -1.86 39.63
N LEU A 1005 9.92 -2.83 39.73
CA LEU A 1005 9.64 -3.56 40.95
C LEU A 1005 9.93 -5.04 40.71
N ARG A 1006 10.69 -5.65 41.61
CA ARG A 1006 11.07 -7.03 41.41
C ARG A 1006 10.76 -7.87 42.64
N PRO A 1007 10.30 -9.11 42.45
CA PRO A 1007 10.08 -9.98 43.60
C PRO A 1007 11.40 -10.37 44.24
N THR A 1008 11.46 -10.30 45.57
CA THR A 1008 12.68 -10.62 46.28
C THR A 1008 12.85 -12.11 46.52
N GLY A 1009 11.86 -12.93 46.15
CA GLY A 1009 11.91 -14.36 46.32
C GLY A 1009 11.47 -14.83 47.69
N GLU A 1010 11.70 -14.03 48.73
CA GLU A 1010 11.22 -14.39 50.06
C GLU A 1010 9.71 -14.54 50.08
N ILE A 1011 9.01 -13.82 49.20
CA ILE A 1011 7.59 -13.98 49.00
C ILE A 1011 7.40 -14.18 47.50
N GLU A 1012 7.11 -15.43 47.11
CA GLU A 1012 6.82 -15.68 45.70
C GLU A 1012 5.57 -14.92 45.26
N GLN A 1013 4.56 -14.88 46.12
CA GLN A 1013 3.33 -14.14 45.87
C GLN A 1013 2.52 -14.14 47.16
N TYR A 1014 1.39 -13.41 47.12
CA TYR A 1014 0.43 -13.40 48.22
C TYR A 1014 -0.76 -14.26 47.85
N SER A 1015 -1.52 -14.64 48.88
CA SER A 1015 -2.78 -15.35 48.69
C SER A 1015 -3.60 -15.25 49.97
N VAL A 1016 -4.90 -15.01 49.82
CA VAL A 1016 -5.82 -14.96 50.95
C VAL A 1016 -6.66 -16.22 50.90
N SER A 1017 -6.45 -17.12 51.86
CA SER A 1017 -7.09 -18.41 51.89
C SER A 1017 -8.12 -18.48 53.02
N ALA A 1018 -9.16 -19.28 52.80
CA ALA A 1018 -10.25 -19.40 53.77
C ALA A 1018 -10.98 -20.70 53.52
N THR A 1019 -11.16 -21.50 54.58
CA THR A 1019 -11.94 -22.73 54.45
C THR A 1019 -12.84 -22.89 55.67
N TYR A 1020 -14.09 -23.26 55.41
CA TYR A 1020 -15.11 -23.39 56.45
C TYR A 1020 -15.06 -24.79 57.04
N GLU A 1021 -13.96 -25.06 57.72
CA GLU A 1021 -13.75 -26.37 58.33
C GLU A 1021 -14.53 -26.44 59.63
N LEU A 1022 -15.63 -27.18 59.62
CA LEU A 1022 -16.53 -27.22 60.77
C LEU A 1022 -15.89 -27.96 61.94
N GLN A 1023 -15.98 -27.37 63.13
CA GLN A 1023 -15.47 -27.99 64.34
C GLN A 1023 -16.32 -27.58 65.54
N ASP A 1031 -16.64 -23.94 64.03
CA ASP A 1031 -15.99 -24.07 62.73
C ASP A 1031 -14.65 -23.34 62.70
N THR A 1032 -13.59 -24.08 62.35
CA THR A 1032 -12.29 -23.46 62.10
C THR A 1032 -12.32 -22.84 60.71
N LEU A 1033 -13.07 -21.76 60.59
CA LEU A 1033 -13.17 -21.01 59.34
C LEU A 1033 -11.96 -20.08 59.30
N LYS A 1034 -10.89 -20.56 58.69
CA LYS A 1034 -9.67 -19.78 58.59
C LYS A 1034 -9.89 -18.56 57.70
N PHE A 1035 -9.24 -17.46 58.05
CA PHE A 1035 -9.16 -16.29 57.18
C PHE A 1035 -7.70 -15.86 57.14
N VAL A 1036 -6.92 -16.48 56.25
CA VAL A 1036 -5.46 -16.38 56.27
C VAL A 1036 -4.99 -15.58 55.08
N THR A 1037 -4.20 -14.54 55.33
CA THR A 1037 -3.61 -13.72 54.27
C THR A 1037 -2.16 -14.14 54.01
N GLN A 1038 -1.99 -15.39 53.59
CA GLN A 1038 -0.66 -15.97 53.49
C GLN A 1038 0.14 -15.33 52.36
N ALA A 1039 1.36 -14.91 52.68
CA ALA A 1039 2.30 -14.39 51.69
C ALA A 1039 3.32 -15.49 51.41
N GLU A 1040 2.94 -16.41 50.52
CA GLU A 1040 3.78 -17.57 50.27
C GLU A 1040 5.11 -17.18 49.65
N GLY A 1041 6.11 -17.98 49.92
CA GLY A 1041 7.47 -17.72 49.48
C GLY A 1041 8.43 -18.28 50.51
N ALA A 1042 9.69 -17.81 50.43
CA ALA A 1042 10.64 -18.17 51.46
C ALA A 1042 10.19 -17.67 52.82
N LYS A 1043 9.66 -16.45 52.86
CA LYS A 1043 8.96 -15.94 54.03
C LYS A 1043 7.46 -16.19 53.87
N GLN A 1044 6.75 -16.13 54.99
CA GLN A 1044 5.32 -16.43 54.99
C GLN A 1044 4.66 -15.62 56.11
N THR A 1045 4.08 -14.48 55.74
CA THR A 1045 3.37 -13.62 56.66
C THR A 1045 1.89 -13.60 56.31
N GLU A 1046 1.04 -13.65 57.33
CA GLU A 1046 -0.39 -13.79 57.10
C GLU A 1046 -1.18 -13.29 58.29
N ALA A 1047 -2.31 -12.67 58.00
CA ALA A 1047 -3.32 -12.38 59.00
C ALA A 1047 -4.36 -13.48 58.96
N THR A 1048 -4.42 -14.30 60.01
CA THR A 1048 -5.35 -15.41 60.06
C THR A 1048 -6.47 -15.12 61.04
N MET A 1049 -7.69 -15.50 60.66
CA MET A 1049 -8.85 -15.34 61.50
C MET A 1049 -9.62 -16.65 61.52
N THR A 1050 -9.73 -17.25 62.71
CA THR A 1050 -10.56 -18.42 62.93
C THR A 1050 -11.42 -18.13 64.15
N PHE A 1051 -12.74 -18.11 63.97
CA PHE A 1051 -13.66 -17.70 65.01
C PHE A 1051 -14.61 -18.84 65.34
N LYS A 1052 -15.02 -18.90 66.60
CA LYS A 1052 -15.93 -19.94 67.06
C LYS A 1052 -17.13 -19.34 67.79
N LEU A 1060 -16.31 -17.15 71.32
CA LEU A 1060 -15.86 -16.72 70.00
C LEU A 1060 -14.34 -16.53 69.98
N SER A 1061 -13.68 -17.24 69.06
CA SER A 1061 -12.23 -17.17 68.92
C SER A 1061 -11.88 -15.91 68.13
N SER A 1062 -11.70 -14.80 68.85
CA SER A 1062 -11.39 -13.53 68.20
C SER A 1062 -9.86 -13.38 68.04
N GLU A 1063 -9.35 -14.05 67.01
CA GLU A 1063 -7.93 -13.97 66.70
C GLU A 1063 -7.68 -12.91 65.63
N VAL A 1064 -6.62 -12.13 65.83
CA VAL A 1064 -6.23 -11.06 64.91
C VAL A 1064 -4.72 -11.14 64.80
N GLN A 1065 -4.21 -11.67 63.70
CA GLN A 1065 -2.80 -12.00 63.58
C GLN A 1065 -2.10 -11.00 62.67
N ILE A 1066 -1.05 -10.38 63.18
CA ILE A 1066 -0.23 -9.46 62.40
C ILE A 1066 1.23 -9.86 62.59
N PRO A 1067 1.79 -10.68 61.71
CA PRO A 1067 3.20 -11.08 61.88
C PRO A 1067 4.17 -9.92 61.82
N ASP A 1068 3.88 -8.88 61.03
CA ASP A 1068 4.82 -7.78 60.89
C ASP A 1068 5.06 -7.08 62.23
N PHE A 1069 3.99 -6.68 62.89
CA PHE A 1069 4.07 -6.26 64.29
C PHE A 1069 3.83 -7.43 65.23
N ASP A 1070 3.51 -8.61 64.68
CA ASP A 1070 3.36 -9.85 65.44
C ASP A 1070 2.29 -9.75 66.51
N VAL A 1071 1.31 -8.88 66.33
CA VAL A 1071 0.17 -8.85 67.23
C VAL A 1071 -0.74 -9.99 66.79
N ASP A 1072 -0.49 -11.18 67.32
CA ASP A 1072 -1.26 -12.37 66.95
C ASP A 1072 -2.26 -12.70 68.05
N LEU A 1073 -3.21 -11.78 68.22
CA LEU A 1073 -4.31 -11.95 69.15
C LEU A 1073 -5.05 -13.27 68.92
#